data_1QI9
#
_entry.id   1QI9
#
_cell.length_a   113.190
_cell.length_b   113.190
_cell.length_c   272.300
_cell.angle_alpha   90.00
_cell.angle_beta   90.00
_cell.angle_gamma   90.00
#
_symmetry.space_group_name_H-M   'P 43 21 2'
#
loop_
_entity.id
_entity.type
_entity.pdbx_description
1 polymer 'Vanadium-dependent bromoperoxidase'
2 polymer 'Vanadium-dependent bromoperoxidase'
3 non-polymer 'VANADATE ION'
4 water water
#
loop_
_entity_poly.entity_id
_entity_poly.type
_entity_poly.pdbx_seq_one_letter_code
_entity_poly.pdbx_strand_id
1 'polypeptide(L)'
;(PCA)TCSTSDDADDPTPPNERDDEAFASRVAAAKRELEGTGTVCQINNGETDLAAKFHKSLPHDDLGQVDADAFAALED
CILNGDLSICEDVPVGNSEGDPVGRLVNPTAAFAIDISGPAFSATTIPPVPTLPSPELAAQLAEVYWMALARDVPFMQYG
TDDITVTAAANLAGMEGFPNLDAVSIGSDGTVDPLSQLFRATFVGVETGPFISQLLVNSFTIDSITVEPKQETFAPDVNY
MVDFDEWLNIQNGGPPAGPELLDDELRFVRNARDLARVTFTDNINTEAYRGALILLGLDAFNRAGVNGPFIDIDRQAGFV
NFGISHYFRLIGAAELAQRSSWYQKWQVHRFARPEALGGTLHLTIKGELNADFDLSLLENAELLKRVAAINAAQNPNNEV
T(IYR)LLPQAIQEGSPTHPSYPSGHATQNGAFATVLKALIGLDRGGDCYPDPV(TYI)PDDDGLKLIDFRGSCLTFEGE
INKLAVNVAFGRQMLGIHYRFDGIQGLLLGETITVRTLHQELMTFAEESTFEFRLFTGEVIKLFQDGTFTIDGFKCPGLV
YTGVENCV
;
A
2 'polypeptide(L)'
;(PCA)TCSTSDDADDPTPPNERDDEAFASRVAAAKRELEGTGTVCQINNGETDLAAKFHKSLPHDDLGQVDADAFAALED
CILNGDLSICEDVPVGNSEGDPVGRLVNPTAAFAIDISGPAFSATTIPPVPTLPSPELAAQLAEVYWMALARDVPFMQYG
TDDITVTAAANLAGMEGFPNLDAVSIGSDGTVDPLSQLFRATFVGVETGPFISQLLVNSFTIDSITVEPKQETFAPDVNY
MVDFDEWLNIQNGGPPAGPELLDDELRFVRNARDLARVTFTDNINTEAYRGALILLGLDAFNRAGVNGPFIDIDRQAGFV
NFGISHYFRLIGAAELAQRSSWYQKWQVHRFARPEALGGTLHLTIKGELNADFDLSLLENAELLKRVAAINAAQNPNNEV
TYLLPQAIQEGSPTHPSYPSGHATQNGAFATVLKALIGLDRGGDCYPDPV(TYI)PDDDGLKLIDFRGSCLTFEGEINKL
AVNVAFGRQMLGIHYRFDGIQGLLLGETITVRTLHQELMTFAEESTFEFRLFTGEVIKLFQDGTFTIDGFKCPGLVYTGV
ENCV
;
B
#
# COMPACT_ATOMS: atom_id res chain seq x y z
N THR A 2 28.59 -6.66 27.30
CA THR A 2 28.18 -6.24 25.92
C THR A 2 28.96 -7.04 24.90
N CYS A 3 28.27 -7.73 24.02
CA CYS A 3 28.84 -8.56 22.99
C CYS A 3 29.71 -7.80 22.00
N SER A 4 30.36 -8.59 21.14
CA SER A 4 31.21 -8.03 20.11
C SER A 4 31.34 -9.03 18.97
N THR A 5 31.94 -10.19 19.24
CA THR A 5 32.09 -11.17 18.15
C THR A 5 31.09 -12.29 18.18
N SER A 6 30.29 -12.35 19.23
CA SER A 6 29.27 -13.39 19.34
C SER A 6 28.00 -12.91 20.03
N ASP A 7 26.87 -13.57 19.76
CA ASP A 7 25.61 -13.22 20.46
C ASP A 7 24.70 -14.44 20.32
N ASP A 8 23.39 -14.28 20.57
CA ASP A 8 22.53 -15.44 20.51
C ASP A 8 21.94 -15.69 19.13
N ALA A 9 22.20 -14.82 18.15
CA ALA A 9 21.57 -15.04 16.85
C ALA A 9 22.22 -16.16 16.07
N ASP A 10 21.44 -16.88 15.30
CA ASP A 10 21.84 -17.87 14.33
C ASP A 10 22.12 -17.08 13.04
N ASP A 11 23.20 -16.35 13.06
CA ASP A 11 23.69 -15.47 12.03
C ASP A 11 25.19 -15.63 11.85
N PRO A 12 25.66 -16.03 10.68
CA PRO A 12 27.10 -16.17 10.42
C PRO A 12 27.90 -14.93 10.66
N THR A 13 27.36 -13.73 10.44
CA THR A 13 28.12 -12.51 10.68
C THR A 13 28.13 -12.13 12.16
N PRO A 14 29.30 -11.83 12.73
CA PRO A 14 29.44 -11.40 14.08
C PRO A 14 28.75 -10.04 14.26
N PRO A 15 28.23 -9.80 15.46
CA PRO A 15 27.61 -8.55 15.81
C PRO A 15 28.39 -7.32 15.39
N ASN A 16 29.68 -7.29 15.70
CA ASN A 16 30.49 -6.14 15.36
C ASN A 16 30.86 -6.05 13.88
N GLU A 17 30.38 -6.90 13.01
CA GLU A 17 30.53 -6.76 11.57
C GLU A 17 29.18 -6.53 10.85
N ARG A 18 28.04 -6.65 11.54
CA ARG A 18 26.74 -6.54 10.88
C ARG A 18 26.50 -5.13 10.32
N ASP A 19 27.00 -4.16 11.05
CA ASP A 19 26.90 -2.77 10.67
C ASP A 19 27.76 -2.49 9.42
N ASP A 20 29.01 -2.99 9.41
CA ASP A 20 29.86 -2.80 8.24
C ASP A 20 29.30 -3.51 7.02
N GLU A 21 28.77 -4.71 7.13
CA GLU A 21 28.24 -5.43 5.99
C GLU A 21 27.00 -4.72 5.41
N ALA A 22 26.18 -4.09 6.26
CA ALA A 22 25.00 -3.38 5.74
C ALA A 22 25.48 -2.15 4.98
N PHE A 23 26.45 -1.40 5.52
CA PHE A 23 26.99 -0.26 4.82
C PHE A 23 27.58 -0.67 3.48
N ALA A 24 28.41 -1.73 3.48
CA ALA A 24 29.08 -2.15 2.25
C ALA A 24 28.08 -2.48 1.16
N SER A 25 27.04 -3.20 1.49
CA SER A 25 25.99 -3.61 0.59
C SER A 25 25.27 -2.42 -0.06
N ARG A 26 25.00 -1.40 0.72
CA ARG A 26 24.31 -0.19 0.32
C ARG A 26 25.21 0.70 -0.53
N VAL A 27 26.49 0.81 -0.20
CA VAL A 27 27.44 1.55 -1.02
C VAL A 27 27.50 0.86 -2.38
N ALA A 28 27.67 -0.46 -2.43
CA ALA A 28 27.72 -1.16 -3.69
C ALA A 28 26.44 -0.91 -4.51
N ALA A 29 25.25 -0.95 -3.89
CA ALA A 29 24.00 -0.79 -4.60
C ALA A 29 23.91 0.58 -5.26
N ALA A 30 24.28 1.62 -4.53
CA ALA A 30 24.37 2.99 -4.91
C ALA A 30 25.43 3.18 -5.99
N LYS A 31 26.54 2.43 -5.91
CA LYS A 31 27.59 2.49 -6.93
C LYS A 31 27.08 1.96 -8.25
N ARG A 32 26.27 0.93 -8.22
CA ARG A 32 25.64 0.34 -9.36
C ARG A 32 24.66 1.37 -9.99
N GLU A 33 23.94 2.15 -9.17
CA GLU A 33 23.08 3.17 -9.76
C GLU A 33 23.96 4.28 -10.32
N LEU A 34 25.04 4.63 -9.62
CA LEU A 34 25.95 5.67 -10.14
C LEU A 34 26.43 5.32 -11.54
N GLU A 35 27.09 4.17 -11.65
CA GLU A 35 27.66 3.72 -12.90
C GLU A 35 26.62 3.41 -13.98
N GLY A 36 25.48 2.87 -13.63
CA GLY A 36 24.45 2.49 -14.60
C GLY A 36 23.72 3.73 -15.15
N THR A 37 23.72 4.79 -14.39
CA THR A 37 23.02 6.02 -14.73
C THR A 37 23.86 6.92 -15.68
N GLY A 38 25.00 7.33 -15.18
CA GLY A 38 25.90 8.22 -15.91
C GLY A 38 25.17 9.56 -16.12
N THR A 39 25.39 10.20 -17.27
CA THR A 39 24.83 11.49 -17.63
C THR A 39 23.53 11.24 -18.37
N VAL A 40 22.45 11.76 -17.74
CA VAL A 40 21.13 11.61 -18.34
C VAL A 40 20.65 12.99 -18.77
N CYS A 41 20.23 13.12 -20.02
CA CYS A 41 19.87 14.43 -20.62
C CYS A 41 18.38 14.67 -20.74
N GLN A 42 17.88 15.63 -19.96
CA GLN A 42 16.41 15.89 -20.02
C GLN A 42 16.12 16.82 -21.20
N ILE A 43 15.26 16.40 -22.14
CA ILE A 43 15.03 17.20 -23.35
C ILE A 43 13.54 17.50 -23.55
N ASN A 44 13.20 18.77 -23.70
CA ASN A 44 11.75 19.04 -23.97
C ASN A 44 11.62 19.47 -25.42
N ASN A 45 10.42 19.86 -25.89
CA ASN A 45 10.24 20.18 -27.31
C ASN A 45 10.80 21.51 -27.80
N GLY A 46 11.37 22.33 -26.94
CA GLY A 46 11.94 23.60 -27.19
C GLY A 46 11.07 24.81 -27.55
N GLU A 47 9.75 24.65 -27.60
CA GLU A 47 8.90 25.80 -27.96
C GLU A 47 8.89 26.81 -26.85
N THR A 48 8.88 28.11 -27.21
CA THR A 48 8.92 29.10 -26.14
C THR A 48 7.55 29.69 -25.78
N ASP A 49 6.52 29.48 -26.57
CA ASP A 49 5.22 30.12 -26.40
C ASP A 49 4.67 29.86 -24.99
N LEU A 50 4.32 30.90 -24.26
CA LEU A 50 3.78 30.68 -22.91
C LEU A 50 2.39 30.06 -22.96
N ALA A 51 1.72 30.15 -24.11
CA ALA A 51 0.41 29.52 -24.26
C ALA A 51 0.51 28.01 -24.16
N ALA A 52 1.68 27.42 -24.50
CA ALA A 52 1.82 25.98 -24.43
C ALA A 52 2.43 25.55 -23.09
N LYS A 53 2.52 26.38 -22.10
CA LYS A 53 3.12 26.07 -20.81
C LYS A 53 2.06 26.03 -19.68
N PHE A 54 2.39 25.32 -18.60
CA PHE A 54 1.50 25.27 -17.45
C PHE A 54 1.63 26.55 -16.61
N HIS A 55 0.45 27.15 -16.34
CA HIS A 55 0.42 28.27 -15.41
C HIS A 55 -0.97 28.45 -14.74
N LYS A 56 -1.67 27.32 -14.60
CA LYS A 56 -2.96 27.41 -13.88
C LYS A 56 -2.79 27.96 -12.47
N SER A 57 -3.63 28.91 -12.09
CA SER A 57 -3.69 29.54 -10.80
C SER A 57 -2.89 30.81 -10.69
N LEU A 58 -2.06 31.14 -11.71
CA LEU A 58 -1.38 32.43 -11.68
C LEU A 58 -2.39 33.46 -12.23
N PRO A 59 -2.06 34.73 -12.15
CA PRO A 59 -2.84 35.82 -12.71
C PRO A 59 -2.78 35.77 -14.24
N HIS A 60 -3.95 35.88 -14.88
CA HIS A 60 -4.00 35.92 -16.33
C HIS A 60 -4.77 37.18 -16.76
N ASP A 61 -4.57 37.60 -18.00
CA ASP A 61 -5.36 38.74 -18.51
C ASP A 61 -6.72 38.12 -18.80
N ASP A 62 -7.62 38.88 -19.41
CA ASP A 62 -8.95 38.35 -19.73
C ASP A 62 -8.98 37.45 -20.94
N LEU A 63 -7.87 37.23 -21.64
CA LEU A 63 -7.79 36.29 -22.74
C LEU A 63 -7.08 35.01 -22.25
N GLY A 64 -6.93 34.88 -20.92
CA GLY A 64 -6.29 33.71 -20.32
C GLY A 64 -4.77 33.64 -20.54
N GLN A 65 -4.14 34.72 -20.92
CA GLN A 65 -2.73 34.82 -21.20
C GLN A 65 -2.00 35.19 -19.91
N VAL A 66 -0.99 34.37 -19.54
CA VAL A 66 -0.33 34.56 -18.25
C VAL A 66 0.35 35.88 -18.06
N ASP A 67 0.39 36.39 -16.81
CA ASP A 67 1.19 37.56 -16.49
C ASP A 67 2.69 37.19 -16.49
N ALA A 68 3.48 37.95 -17.21
CA ALA A 68 4.89 37.75 -17.43
C ALA A 68 5.68 37.66 -16.14
N ASP A 69 5.55 38.64 -15.28
CA ASP A 69 6.26 38.65 -14.01
C ASP A 69 5.91 37.40 -13.20
N ALA A 70 4.61 37.08 -13.12
CA ALA A 70 4.22 35.88 -12.38
C ALA A 70 4.83 34.61 -12.95
N PHE A 71 4.84 34.43 -14.27
CA PHE A 71 5.39 33.20 -14.85
C PHE A 71 6.88 33.08 -14.54
N ALA A 72 7.63 34.17 -14.56
CA ALA A 72 9.06 34.19 -14.21
C ALA A 72 9.22 33.86 -12.72
N ALA A 73 8.27 34.26 -11.87
CA ALA A 73 8.36 33.86 -10.44
C ALA A 73 8.06 32.37 -10.34
N LEU A 74 7.23 31.81 -11.23
CA LEU A 74 6.95 30.38 -11.18
C LEU A 74 8.21 29.59 -11.56
N GLU A 75 8.92 30.06 -12.59
CA GLU A 75 10.17 29.40 -13.02
C GLU A 75 11.19 29.46 -11.87
N ASP A 76 11.26 30.54 -11.12
CA ASP A 76 12.09 30.69 -9.96
C ASP A 76 11.84 29.61 -8.89
N CYS A 77 10.55 29.46 -8.62
CA CYS A 77 10.01 28.49 -7.69
C CYS A 77 10.36 27.09 -8.15
N ILE A 78 10.13 26.76 -9.44
CA ILE A 78 10.41 25.40 -9.92
C ILE A 78 11.88 25.01 -9.78
N LEU A 79 12.77 25.92 -10.09
CA LEU A 79 14.20 25.74 -10.08
C LEU A 79 14.85 25.52 -8.72
N ASN A 80 14.47 26.31 -7.75
CA ASN A 80 15.14 26.39 -6.47
C ASN A 80 14.79 25.47 -5.35
N GLY A 81 13.80 24.60 -5.41
CA GLY A 81 13.48 23.65 -4.33
C GLY A 81 13.43 24.34 -2.96
N ASP A 82 12.80 25.51 -2.92
CA ASP A 82 12.69 26.33 -1.75
C ASP A 82 11.22 26.70 -1.49
N LEU A 83 10.68 26.33 -0.33
CA LEU A 83 9.31 26.64 -0.01
C LEU A 83 9.05 28.16 -0.07
N SER A 84 9.95 28.90 0.57
CA SER A 84 9.75 30.32 0.63
C SER A 84 9.65 31.01 -0.73
N ILE A 85 10.51 30.60 -1.67
CA ILE A 85 10.43 31.22 -3.01
C ILE A 85 9.12 30.83 -3.67
N CYS A 86 8.66 29.61 -3.50
CA CYS A 86 7.40 29.13 -4.07
C CYS A 86 6.18 29.86 -3.49
N GLU A 87 6.26 30.35 -2.27
CA GLU A 87 5.20 31.15 -1.68
C GLU A 87 5.14 32.54 -2.30
N ASP A 88 6.16 32.95 -3.06
CA ASP A 88 6.21 34.24 -3.71
C ASP A 88 5.55 34.22 -5.09
N VAL A 89 5.12 33.09 -5.58
CA VAL A 89 4.48 33.05 -6.90
C VAL A 89 3.08 33.67 -6.75
N PRO A 90 2.76 34.68 -7.54
CA PRO A 90 1.46 35.32 -7.50
C PRO A 90 0.33 34.35 -7.77
N VAL A 91 -0.81 34.62 -7.16
CA VAL A 91 -2.02 33.78 -7.38
C VAL A 91 -3.03 34.67 -8.12
N GLY A 92 -3.84 34.14 -9.03
CA GLY A 92 -4.72 34.98 -9.81
C GLY A 92 -6.08 35.28 -9.20
N ASN A 93 -6.37 34.69 -8.05
CA ASN A 93 -7.65 34.82 -7.36
C ASN A 93 -7.30 34.80 -5.88
N SER A 94 -7.79 35.77 -5.12
CA SER A 94 -7.38 35.86 -3.72
C SER A 94 -8.35 35.22 -2.74
N GLU A 95 -9.23 34.32 -3.15
CA GLU A 95 -10.19 33.76 -2.20
C GLU A 95 -9.60 32.67 -1.34
N GLY A 96 -8.35 32.24 -1.51
CA GLY A 96 -7.76 31.23 -0.66
C GLY A 96 -8.32 29.83 -0.80
N ASP A 97 -9.00 29.48 -1.89
CA ASP A 97 -9.52 28.12 -2.00
C ASP A 97 -8.33 27.19 -2.24
N PRO A 98 -8.39 25.99 -1.67
CA PRO A 98 -7.33 25.02 -1.83
C PRO A 98 -7.13 24.58 -3.28
N VAL A 99 -8.10 24.66 -4.20
CA VAL A 99 -7.86 24.25 -5.57
C VAL A 99 -6.86 25.19 -6.24
N GLY A 100 -6.65 26.40 -5.77
CA GLY A 100 -5.71 27.38 -6.26
C GLY A 100 -4.24 27.12 -5.88
N ARG A 101 -3.97 26.23 -4.93
CA ARG A 101 -2.57 26.03 -4.53
C ARG A 101 -1.76 25.23 -5.57
N LEU A 102 -0.52 25.67 -5.72
CA LEU A 102 0.43 24.90 -6.56
C LEU A 102 0.67 23.52 -5.95
N VAL A 103 0.51 22.42 -6.63
CA VAL A 103 0.68 21.12 -6.01
C VAL A 103 2.14 20.65 -5.93
N ASN A 104 2.75 20.99 -4.82
CA ASN A 104 4.07 20.56 -4.39
C ASN A 104 5.16 20.65 -5.44
N PRO A 105 5.42 21.83 -5.98
CA PRO A 105 6.40 22.04 -7.03
C PRO A 105 7.81 21.66 -6.64
N THR A 106 8.14 21.67 -5.34
CA THR A 106 9.51 21.37 -4.94
C THR A 106 9.69 19.89 -4.72
N ALA A 107 8.67 19.05 -4.92
CA ALA A 107 8.79 17.65 -4.53
C ALA A 107 9.95 16.90 -5.15
N ALA A 108 10.21 17.17 -6.45
CA ALA A 108 11.21 16.40 -7.17
C ALA A 108 12.58 16.36 -6.50
N PHE A 109 13.00 17.44 -5.86
CA PHE A 109 14.31 17.60 -5.30
C PHE A 109 14.54 16.87 -3.98
N ALA A 110 14.44 15.56 -4.04
CA ALA A 110 14.69 14.68 -2.90
C ALA A 110 15.37 13.44 -3.46
N ILE A 111 16.59 13.14 -3.01
CA ILE A 111 17.26 11.90 -3.46
C ILE A 111 16.79 10.75 -2.59
N ASP A 112 15.89 9.86 -3.10
CA ASP A 112 15.43 8.75 -2.27
C ASP A 112 16.59 7.74 -2.23
N ILE A 113 16.78 7.04 -1.10
CA ILE A 113 17.91 6.14 -1.02
C ILE A 113 17.70 4.92 -1.89
N SER A 114 16.44 4.50 -2.01
CA SER A 114 16.14 3.36 -2.86
C SER A 114 15.73 3.78 -4.29
N GLY A 115 15.74 2.84 -5.21
CA GLY A 115 15.34 2.97 -6.59
C GLY A 115 16.19 3.96 -7.41
N PRO A 116 15.77 4.25 -8.63
CA PRO A 116 16.49 5.18 -9.50
C PRO A 116 16.29 6.61 -9.08
N ALA A 117 17.30 7.46 -9.07
CA ALA A 117 17.08 8.83 -8.62
C ALA A 117 16.07 9.52 -9.58
N PHE A 118 15.51 10.62 -9.10
CA PHE A 118 14.47 11.34 -9.84
C PHE A 118 14.88 11.82 -11.23
N SER A 119 16.14 12.19 -11.41
CA SER A 119 16.58 12.66 -12.73
C SER A 119 17.25 11.57 -13.55
N ALA A 120 17.12 10.31 -13.17
CA ALA A 120 17.77 9.22 -13.88
C ALA A 120 17.00 8.64 -15.05
N THR A 121 15.73 9.05 -15.21
CA THR A 121 14.88 8.58 -16.27
C THR A 121 14.36 9.80 -17.05
N THR A 122 13.88 9.52 -18.25
CA THR A 122 13.44 10.58 -19.12
C THR A 122 12.16 10.10 -19.78
N ILE A 123 11.43 11.10 -20.30
CA ILE A 123 10.23 10.82 -21.11
C ILE A 123 10.40 11.79 -22.34
N PRO A 124 9.81 11.43 -23.47
CA PRO A 124 9.98 12.16 -24.69
C PRO A 124 9.42 13.57 -24.68
N PRO A 125 9.94 14.43 -25.56
CA PRO A 125 9.42 15.76 -25.72
C PRO A 125 7.95 15.62 -26.13
N VAL A 126 7.18 16.62 -25.75
CA VAL A 126 5.78 16.67 -26.15
C VAL A 126 5.68 17.27 -27.57
N PRO A 127 4.67 16.87 -28.32
CA PRO A 127 4.38 17.51 -29.60
C PRO A 127 4.17 18.99 -29.40
N THR A 128 4.71 19.89 -30.22
CA THR A 128 4.56 21.32 -30.00
C THR A 128 3.12 21.72 -30.29
N LEU A 129 2.75 22.93 -29.89
CA LEU A 129 1.39 23.42 -30.13
C LEU A 129 0.95 23.48 -31.58
N PRO A 130 1.81 23.86 -32.52
CA PRO A 130 1.43 23.93 -33.93
C PRO A 130 1.42 22.61 -34.67
N SER A 131 1.87 21.50 -34.07
CA SER A 131 2.02 20.25 -34.73
C SER A 131 0.71 19.54 -35.00
N PRO A 132 0.74 18.71 -36.04
CA PRO A 132 -0.40 17.86 -36.36
C PRO A 132 -0.66 16.87 -35.22
N GLU A 133 0.40 16.39 -34.56
CA GLU A 133 0.22 15.44 -33.48
C GLU A 133 -0.53 16.08 -32.31
N LEU A 134 -0.12 17.25 -31.85
CA LEU A 134 -0.78 17.95 -30.74
C LEU A 134 -2.25 18.14 -31.13
N ALA A 135 -2.55 18.52 -32.38
CA ALA A 135 -3.93 18.66 -32.82
C ALA A 135 -4.77 17.42 -32.64
N ALA A 136 -4.24 16.27 -33.06
CA ALA A 136 -5.01 15.04 -32.95
C ALA A 136 -5.14 14.60 -31.48
N GLN A 137 -4.10 14.82 -30.71
CA GLN A 137 -4.09 14.50 -29.26
C GLN A 137 -5.18 15.35 -28.58
N LEU A 138 -5.23 16.64 -28.81
CA LEU A 138 -6.26 17.55 -28.30
C LEU A 138 -7.60 17.18 -28.82
N ALA A 139 -7.80 16.89 -30.13
CA ALA A 139 -9.10 16.47 -30.61
C ALA A 139 -9.57 15.22 -29.90
N GLU A 140 -8.66 14.27 -29.64
CA GLU A 140 -9.07 13.02 -28.97
C GLU A 140 -9.65 13.31 -27.57
N VAL A 141 -9.09 14.24 -26.81
CA VAL A 141 -9.63 14.67 -25.51
C VAL A 141 -11.03 15.30 -25.72
N TYR A 142 -11.18 16.14 -26.78
CA TYR A 142 -12.52 16.68 -27.08
C TYR A 142 -13.49 15.59 -27.40
N TRP A 143 -13.17 14.58 -28.24
CA TRP A 143 -14.10 13.54 -28.60
C TRP A 143 -14.45 12.68 -27.38
N MET A 144 -13.48 12.48 -26.46
CA MET A 144 -13.80 11.70 -25.25
C MET A 144 -14.91 12.42 -24.46
N ALA A 145 -14.80 13.72 -24.35
CA ALA A 145 -15.76 14.54 -23.67
C ALA A 145 -17.14 14.45 -24.32
N LEU A 146 -17.18 14.57 -25.67
CA LEU A 146 -18.44 14.36 -26.38
C LEU A 146 -18.94 12.95 -26.21
N ALA A 147 -18.08 11.93 -26.07
CA ALA A 147 -18.60 10.56 -25.96
C ALA A 147 -18.84 10.05 -24.55
N ARG A 148 -18.66 10.87 -23.53
CA ARG A 148 -18.78 10.49 -22.14
C ARG A 148 -19.99 9.66 -21.76
N ASP A 149 -21.18 9.97 -22.30
CA ASP A 149 -22.37 9.23 -21.93
C ASP A 149 -22.75 8.13 -22.91
N VAL A 150 -21.86 7.74 -23.81
CA VAL A 150 -22.16 6.58 -24.63
C VAL A 150 -21.68 5.33 -23.93
N PRO A 151 -22.52 4.33 -23.71
CA PRO A 151 -22.14 3.08 -23.09
C PRO A 151 -21.10 2.35 -23.94
N PHE A 152 -20.05 1.77 -23.35
CA PHE A 152 -19.01 1.14 -24.13
C PHE A 152 -19.46 0.12 -25.16
N MET A 153 -20.47 -0.67 -24.90
CA MET A 153 -20.98 -1.65 -25.81
C MET A 153 -21.80 -1.04 -26.94
N GLN A 154 -22.04 0.26 -26.90
CA GLN A 154 -22.76 0.92 -27.98
C GLN A 154 -21.81 1.73 -28.84
N TYR A 155 -20.48 1.54 -28.63
CA TYR A 155 -19.53 2.37 -29.36
C TYR A 155 -19.65 2.17 -30.88
N GLY A 156 -19.92 0.95 -31.29
CA GLY A 156 -20.04 0.68 -32.72
C GLY A 156 -21.31 1.22 -33.35
N THR A 157 -22.31 1.61 -32.56
CA THR A 157 -23.54 2.05 -33.20
C THR A 157 -23.96 3.45 -32.88
N ASP A 158 -23.36 4.09 -31.87
CA ASP A 158 -23.76 5.45 -31.52
C ASP A 158 -23.10 6.43 -32.49
N ASP A 159 -23.87 7.41 -32.90
CA ASP A 159 -23.42 8.43 -33.84
C ASP A 159 -22.14 9.11 -33.40
N ILE A 160 -22.05 9.47 -32.12
CA ILE A 160 -20.89 10.20 -31.61
C ILE A 160 -19.58 9.43 -31.72
N THR A 161 -19.56 8.15 -31.37
CA THR A 161 -18.34 7.37 -31.44
C THR A 161 -18.07 6.83 -32.85
N VAL A 162 -19.14 6.55 -33.63
CA VAL A 162 -18.90 6.15 -35.05
C VAL A 162 -18.27 7.35 -35.72
N THR A 163 -18.73 8.57 -35.44
CA THR A 163 -18.15 9.78 -36.01
C THR A 163 -16.75 10.08 -35.50
N ALA A 164 -16.55 9.95 -34.17
CA ALA A 164 -15.25 10.18 -33.58
C ALA A 164 -14.17 9.33 -34.27
N ALA A 165 -14.48 8.07 -34.57
CA ALA A 165 -13.54 7.17 -35.19
C ALA A 165 -13.19 7.59 -36.63
N ALA A 166 -14.17 8.00 -37.44
CA ALA A 166 -13.92 8.52 -38.78
C ALA A 166 -13.20 9.85 -38.75
N ASN A 167 -13.58 10.74 -37.81
CA ASN A 167 -12.96 12.05 -37.77
C ASN A 167 -11.52 12.06 -37.29
N LEU A 168 -11.24 11.22 -36.27
CA LEU A 168 -9.88 11.16 -35.73
C LEU A 168 -8.96 10.48 -36.76
N ALA A 169 -9.45 9.41 -37.37
CA ALA A 169 -8.64 8.69 -38.36
C ALA A 169 -8.26 9.54 -39.56
N GLY A 170 -9.04 10.56 -39.89
CA GLY A 170 -8.80 11.49 -40.95
C GLY A 170 -7.85 12.59 -40.58
N MET A 171 -7.49 12.75 -39.29
CA MET A 171 -6.53 13.81 -38.94
C MET A 171 -5.11 13.40 -39.29
N GLU A 172 -4.34 14.31 -39.89
CA GLU A 172 -2.97 14.01 -40.29
C GLU A 172 -2.13 13.35 -39.19
N GLY A 173 -2.14 13.91 -37.96
CA GLY A 173 -1.34 13.44 -36.86
C GLY A 173 -1.78 12.18 -36.17
N PHE A 174 -2.97 11.66 -36.42
CA PHE A 174 -3.55 10.52 -35.72
C PHE A 174 -2.77 9.24 -35.68
N PRO A 175 -2.20 8.71 -36.76
CA PRO A 175 -1.43 7.49 -36.72
C PRO A 175 -0.17 7.68 -35.87
N ASN A 176 0.30 8.87 -35.56
CA ASN A 176 1.45 9.09 -34.71
C ASN A 176 1.09 9.23 -33.22
N LEU A 177 -0.17 8.97 -32.84
CA LEU A 177 -0.48 9.10 -31.40
C LEU A 177 0.13 7.89 -30.65
N ASP A 178 0.57 8.11 -29.43
CA ASP A 178 1.23 7.08 -28.62
C ASP A 178 0.46 5.77 -28.54
N ALA A 179 1.02 4.67 -28.97
CA ALA A 179 0.41 3.35 -28.92
C ALA A 179 -1.06 3.37 -29.39
N VAL A 180 -1.35 4.16 -30.43
CA VAL A 180 -2.72 4.26 -30.93
C VAL A 180 -3.28 2.98 -31.50
N SER A 181 -4.51 2.63 -31.11
CA SER A 181 -5.16 1.43 -31.62
C SER A 181 -5.67 1.79 -33.01
N ILE A 182 -5.30 1.04 -34.03
CA ILE A 182 -5.59 1.46 -35.40
C ILE A 182 -5.40 0.31 -36.36
N GLY A 183 -6.24 0.31 -37.39
CA GLY A 183 -6.12 -0.80 -38.38
C GLY A 183 -4.84 -0.51 -39.18
N SER A 184 -4.40 -1.54 -39.90
CA SER A 184 -3.25 -1.43 -40.80
C SER A 184 -3.62 -0.52 -41.96
N ASP A 185 -4.90 -0.44 -42.34
CA ASP A 185 -5.38 0.49 -43.34
C ASP A 185 -5.63 1.88 -42.76
N GLY A 186 -5.33 2.14 -41.49
CA GLY A 186 -5.46 3.42 -40.88
C GLY A 186 -6.85 3.75 -40.37
N THR A 187 -7.76 2.78 -40.41
CA THR A 187 -9.12 3.06 -39.94
C THR A 187 -9.25 2.78 -38.45
N VAL A 188 -10.32 3.30 -37.82
CA VAL A 188 -10.46 3.07 -36.36
C VAL A 188 -11.81 2.40 -36.15
N ASP A 189 -11.79 1.19 -35.59
CA ASP A 189 -13.04 0.50 -35.28
C ASP A 189 -13.56 1.03 -33.92
N PRO A 190 -14.73 1.64 -33.89
CA PRO A 190 -15.24 2.21 -32.65
C PRO A 190 -15.32 1.20 -31.52
N LEU A 191 -15.92 0.04 -31.69
CA LEU A 191 -16.07 -0.89 -30.57
C LEU A 191 -14.73 -1.38 -29.98
N SER A 192 -13.78 -1.77 -30.81
CA SER A 192 -12.54 -2.34 -30.31
C SER A 192 -11.29 -1.49 -30.36
N GLN A 193 -11.32 -0.27 -30.87
CA GLN A 193 -10.08 0.49 -31.05
C GLN A 193 -10.17 1.92 -30.56
N LEU A 194 -11.36 2.52 -30.69
CA LEU A 194 -11.47 3.93 -30.27
C LEU A 194 -11.12 4.06 -28.77
N PHE A 195 -10.32 5.05 -28.46
CA PHE A 195 -9.86 5.31 -27.09
C PHE A 195 -9.14 4.10 -26.52
N ARG A 196 -8.45 3.31 -27.34
CA ARG A 196 -7.69 2.16 -26.83
C ARG A 196 -6.21 2.32 -27.15
N ALA A 197 -5.38 1.36 -26.72
CA ALA A 197 -3.94 1.43 -26.92
C ALA A 197 -3.44 0.01 -27.23
N THR A 198 -2.25 -0.09 -27.79
CA THR A 198 -1.75 -1.38 -28.26
C THR A 198 -1.00 -2.14 -27.17
N PHE A 199 -0.87 -1.62 -25.95
CA PHE A 199 -0.26 -2.41 -24.89
C PHE A 199 -1.02 -3.72 -24.79
N VAL A 200 -0.29 -4.77 -24.37
CA VAL A 200 -0.81 -6.11 -24.32
C VAL A 200 -2.15 -6.27 -23.64
N GLY A 201 -3.11 -6.87 -24.35
CA GLY A 201 -4.42 -7.13 -23.83
C GLY A 201 -5.41 -5.98 -23.78
N VAL A 202 -5.00 -4.75 -24.03
CA VAL A 202 -5.95 -3.63 -23.94
C VAL A 202 -6.98 -3.70 -25.06
N GLU A 203 -6.61 -4.21 -26.25
CA GLU A 203 -7.59 -4.23 -27.36
C GLU A 203 -8.46 -5.46 -27.35
N THR A 204 -8.14 -6.45 -26.50
CA THR A 204 -8.94 -7.67 -26.46
C THR A 204 -10.18 -7.56 -25.56
N GLY A 205 -11.34 -7.99 -26.02
CA GLY A 205 -12.51 -8.03 -25.18
C GLY A 205 -13.03 -6.65 -24.77
N PRO A 206 -13.82 -6.66 -23.69
CA PRO A 206 -14.47 -5.46 -23.18
C PRO A 206 -13.53 -4.34 -22.88
N PHE A 207 -14.01 -3.10 -23.01
CA PHE A 207 -13.20 -1.93 -22.75
C PHE A 207 -12.64 -1.87 -21.30
N ILE A 208 -13.50 -2.18 -20.34
CA ILE A 208 -13.08 -2.04 -18.93
C ILE A 208 -12.48 -3.33 -18.39
N SER A 209 -11.37 -3.19 -17.68
CA SER A 209 -10.71 -4.34 -17.06
C SER A 209 -11.63 -5.15 -16.20
N GLN A 210 -11.50 -6.47 -16.21
CA GLN A 210 -12.21 -7.38 -15.33
C GLN A 210 -11.98 -6.99 -13.87
N LEU A 211 -10.87 -6.37 -13.53
CA LEU A 211 -10.53 -6.04 -12.15
C LEU A 211 -11.34 -4.85 -11.61
N LEU A 212 -12.03 -4.12 -12.49
CA LEU A 212 -12.83 -2.97 -12.10
C LEU A 212 -14.32 -3.31 -12.00
N VAL A 213 -14.77 -4.42 -12.55
CA VAL A 213 -16.20 -4.74 -12.51
C VAL A 213 -16.53 -5.99 -11.72
N ASN A 214 -15.50 -6.80 -11.34
CA ASN A 214 -15.81 -7.99 -10.55
C ASN A 214 -15.73 -7.71 -9.04
N SER A 215 -16.42 -8.54 -8.26
CA SER A 215 -16.40 -8.31 -6.80
C SER A 215 -15.02 -8.60 -6.20
N PHE A 216 -14.74 -7.95 -5.09
CA PHE A 216 -13.53 -8.13 -4.31
C PHE A 216 -13.91 -8.34 -2.83
N THR A 217 -13.07 -9.14 -2.17
CA THR A 217 -13.31 -9.31 -0.72
C THR A 217 -12.20 -8.66 0.06
N ILE A 218 -12.49 -7.88 1.09
CA ILE A 218 -11.46 -7.27 1.91
C ILE A 218 -11.86 -7.54 3.37
N ASP A 219 -11.04 -8.30 4.08
CA ASP A 219 -11.29 -8.65 5.47
C ASP A 219 -12.63 -9.32 5.64
N SER A 220 -13.02 -10.31 4.83
CA SER A 220 -14.27 -11.00 4.86
C SER A 220 -15.50 -10.17 4.49
N ILE A 221 -15.32 -9.01 3.93
CA ILE A 221 -16.39 -8.13 3.44
C ILE A 221 -16.38 -8.17 1.90
N THR A 222 -17.48 -8.71 1.36
CA THR A 222 -17.52 -8.88 -0.10
C THR A 222 -18.13 -7.64 -0.73
N VAL A 223 -17.41 -7.05 -1.68
CA VAL A 223 -17.86 -5.78 -2.24
C VAL A 223 -18.14 -5.86 -3.74
N GLU A 224 -19.37 -5.58 -4.16
CA GLU A 224 -19.75 -5.46 -5.57
C GLU A 224 -19.48 -4.00 -5.96
N PRO A 225 -18.71 -3.77 -7.03
CA PRO A 225 -18.32 -2.45 -7.43
C PRO A 225 -19.28 -1.56 -8.17
N LYS A 226 -20.48 -1.38 -7.64
CA LYS A 226 -21.43 -0.40 -8.18
C LYS A 226 -21.08 0.88 -7.46
N GLN A 227 -20.73 1.93 -8.20
CA GLN A 227 -20.34 3.15 -7.55
C GLN A 227 -21.39 4.26 -7.67
N GLU A 228 -21.15 5.29 -6.89
CA GLU A 228 -21.92 6.52 -7.04
C GLU A 228 -21.21 7.29 -8.17
N THR A 229 -21.92 7.53 -9.26
CA THR A 229 -21.31 8.13 -10.44
C THR A 229 -21.87 9.50 -10.78
N PHE A 230 -21.25 10.16 -11.76
CA PHE A 230 -21.73 11.44 -12.25
C PHE A 230 -23.05 11.30 -13.02
N ALA A 231 -23.87 12.36 -13.02
CA ALA A 231 -25.09 12.39 -13.82
C ALA A 231 -24.66 12.59 -15.28
N PRO A 232 -25.43 12.08 -16.23
CA PRO A 232 -25.10 12.23 -17.63
C PRO A 232 -25.35 13.65 -18.10
N ASP A 233 -24.80 13.90 -19.29
CA ASP A 233 -25.04 15.12 -20.04
C ASP A 233 -24.69 16.46 -19.51
N VAL A 234 -24.22 16.67 -18.31
CA VAL A 234 -23.87 18.02 -17.88
C VAL A 234 -22.35 18.08 -17.85
N ASN A 235 -21.74 19.12 -18.38
CA ASN A 235 -20.28 19.28 -18.29
C ASN A 235 -20.05 20.62 -17.63
N TYR A 236 -18.82 20.94 -17.25
CA TYR A 236 -18.48 22.15 -16.53
C TYR A 236 -17.40 22.93 -17.24
N MET A 237 -17.13 24.13 -16.85
CA MET A 237 -16.15 25.05 -17.39
C MET A 237 -16.33 25.40 -18.87
N VAL A 238 -17.58 25.47 -19.36
CA VAL A 238 -17.85 25.75 -20.76
C VAL A 238 -18.44 27.14 -20.93
N ASP A 239 -18.72 27.79 -19.80
CA ASP A 239 -19.09 29.19 -19.72
C ASP A 239 -17.74 29.87 -19.57
N PHE A 240 -17.42 30.84 -20.40
CA PHE A 240 -16.13 31.49 -20.44
C PHE A 240 -15.69 32.05 -19.09
N ASP A 241 -16.52 32.85 -18.41
CA ASP A 241 -16.08 33.41 -17.14
C ASP A 241 -15.75 32.27 -16.14
N GLU A 242 -16.49 31.22 -16.07
CA GLU A 242 -16.24 30.09 -15.16
C GLU A 242 -14.87 29.46 -15.50
N TRP A 243 -14.64 29.24 -16.79
CA TRP A 243 -13.35 28.76 -17.28
C TRP A 243 -12.24 29.69 -16.83
N LEU A 244 -12.28 30.99 -17.05
CA LEU A 244 -11.22 31.92 -16.70
C LEU A 244 -10.96 31.95 -15.19
N ASN A 245 -12.05 32.03 -14.43
CA ASN A 245 -11.96 31.97 -12.98
C ASN A 245 -11.14 30.72 -12.53
N ILE A 246 -11.40 29.56 -13.09
CA ILE A 246 -10.63 28.34 -12.75
C ILE A 246 -9.17 28.47 -13.17
N GLN A 247 -8.83 29.09 -14.32
CA GLN A 247 -7.42 29.27 -14.71
C GLN A 247 -6.71 30.23 -13.79
N ASN A 248 -7.40 31.23 -13.27
CA ASN A 248 -6.88 32.19 -12.34
C ASN A 248 -6.81 31.64 -10.91
N GLY A 249 -7.15 30.39 -10.61
CA GLY A 249 -6.98 29.88 -9.25
C GLY A 249 -8.18 29.99 -8.31
N GLY A 250 -9.32 30.42 -8.83
CA GLY A 250 -10.56 30.62 -8.08
C GLY A 250 -11.29 29.30 -7.85
N PRO A 251 -12.26 29.38 -6.92
CA PRO A 251 -13.04 28.22 -6.54
C PRO A 251 -13.95 27.72 -7.63
N PRO A 252 -14.26 26.43 -7.58
CA PRO A 252 -15.17 25.81 -8.53
C PRO A 252 -16.54 26.48 -8.44
N ALA A 253 -17.33 26.38 -9.50
CA ALA A 253 -18.63 27.04 -9.55
C ALA A 253 -19.64 26.35 -8.66
N GLY A 254 -19.37 25.09 -8.27
CA GLY A 254 -20.30 24.33 -7.43
C GLY A 254 -19.86 22.87 -7.50
N PRO A 255 -20.69 21.96 -7.02
CA PRO A 255 -20.37 20.55 -7.02
C PRO A 255 -20.82 19.94 -8.34
N GLU A 256 -20.41 18.70 -8.57
CA GLU A 256 -20.88 18.05 -9.79
C GLU A 256 -22.20 17.36 -9.44
N LEU A 257 -23.11 17.33 -10.41
CA LEU A 257 -24.35 16.62 -10.39
C LEU A 257 -24.06 15.12 -10.37
N LEU A 258 -24.73 14.37 -9.49
CA LEU A 258 -24.49 12.95 -9.37
C LEU A 258 -25.72 12.15 -9.73
N ASP A 259 -25.52 10.91 -10.16
CA ASP A 259 -26.64 10.06 -10.50
C ASP A 259 -27.21 9.45 -9.20
N ASP A 260 -28.52 9.35 -9.09
CA ASP A 260 -29.17 8.70 -7.96
C ASP A 260 -28.96 7.19 -7.96
N GLU A 261 -28.68 6.52 -9.06
CA GLU A 261 -28.53 5.08 -9.07
C GLU A 261 -27.06 4.67 -9.10
N LEU A 262 -26.73 3.75 -8.20
CA LEU A 262 -25.39 3.16 -8.13
C LEU A 262 -25.17 2.28 -9.34
N ARG A 263 -24.03 2.40 -10.04
CA ARG A 263 -23.86 1.62 -11.25
C ARG A 263 -22.44 1.08 -11.40
N PHE A 264 -22.30 -0.01 -12.12
CA PHE A 264 -20.98 -0.48 -12.52
C PHE A 264 -20.48 0.54 -13.57
N VAL A 265 -19.16 0.55 -13.78
CA VAL A 265 -18.53 1.42 -14.75
C VAL A 265 -18.91 0.94 -16.18
N ARG A 266 -19.66 1.82 -16.89
CA ARG A 266 -20.17 1.40 -18.19
C ARG A 266 -20.06 2.43 -19.31
N ASN A 267 -19.38 3.55 -19.10
CA ASN A 267 -19.16 4.54 -20.15
C ASN A 267 -17.98 5.41 -19.74
N ALA A 268 -17.54 6.35 -20.56
CA ALA A 268 -16.38 7.13 -20.18
C ALA A 268 -16.60 8.07 -18.99
N ARG A 269 -17.80 8.62 -18.82
CA ARG A 269 -18.06 9.49 -17.67
C ARG A 269 -17.84 8.68 -16.38
N ASP A 270 -18.32 7.47 -16.33
CA ASP A 270 -18.19 6.53 -15.21
C ASP A 270 -16.73 6.21 -14.90
N LEU A 271 -15.93 5.95 -15.96
CA LEU A 271 -14.51 5.63 -15.81
C LEU A 271 -13.76 6.84 -15.30
N ALA A 272 -14.09 8.02 -15.82
CA ALA A 272 -13.58 9.30 -15.39
C ALA A 272 -13.96 9.46 -13.88
N ARG A 273 -15.18 9.17 -13.50
CA ARG A 273 -15.58 9.27 -12.07
C ARG A 273 -14.68 8.45 -11.14
N VAL A 274 -14.38 7.22 -11.49
CA VAL A 274 -13.42 6.38 -10.73
C VAL A 274 -12.13 7.12 -10.47
N THR A 275 -11.53 7.69 -11.55
CA THR A 275 -10.26 8.35 -11.43
C THR A 275 -10.35 9.70 -10.70
N PHE A 276 -11.55 10.30 -10.56
CA PHE A 276 -11.69 11.55 -9.81
C PHE A 276 -11.80 11.25 -8.30
N THR A 277 -12.22 10.05 -7.95
CA THR A 277 -12.43 9.66 -6.54
C THR A 277 -11.57 8.53 -6.02
N ASP A 278 -10.46 8.21 -6.72
CA ASP A 278 -9.56 7.15 -6.33
C ASP A 278 -8.52 7.77 -5.42
N ASN A 279 -7.76 6.98 -4.68
CA ASN A 279 -6.68 7.50 -3.87
C ASN A 279 -5.39 6.70 -4.07
N ILE A 280 -4.57 7.11 -5.00
CA ILE A 280 -3.25 6.54 -5.33
C ILE A 280 -3.25 5.16 -5.93
N ASN A 281 -3.53 4.12 -5.14
CA ASN A 281 -3.50 2.75 -5.61
C ASN A 281 -4.79 2.05 -5.31
N THR A 282 -5.89 2.77 -5.05
CA THR A 282 -7.13 2.03 -4.73
C THR A 282 -7.56 1.08 -5.81
N GLU A 283 -7.50 1.44 -7.11
CA GLU A 283 -7.97 0.50 -8.16
C GLU A 283 -7.04 -0.71 -8.20
N ALA A 284 -5.72 -0.45 -8.12
CA ALA A 284 -4.75 -1.55 -8.18
C ALA A 284 -4.82 -2.45 -6.93
N TYR A 285 -5.23 -1.88 -5.79
CA TYR A 285 -5.38 -2.66 -4.54
C TYR A 285 -6.52 -3.63 -4.66
N ARG A 286 -7.63 -3.09 -5.25
CA ARG A 286 -8.75 -3.93 -5.55
C ARG A 286 -8.30 -5.03 -6.53
N GLY A 287 -7.55 -4.62 -7.55
CA GLY A 287 -7.16 -5.70 -8.50
C GLY A 287 -6.29 -6.76 -7.81
N ALA A 288 -5.41 -6.38 -6.92
CA ALA A 288 -4.49 -7.20 -6.15
C ALA A 288 -5.26 -8.21 -5.32
N LEU A 289 -6.30 -7.74 -4.63
CA LEU A 289 -7.15 -8.64 -3.85
C LEU A 289 -7.89 -9.64 -4.72
N ILE A 290 -8.40 -9.19 -5.89
CA ILE A 290 -9.14 -10.11 -6.74
C ILE A 290 -8.18 -11.17 -7.30
N LEU A 291 -7.00 -10.74 -7.77
CA LEU A 291 -6.01 -11.68 -8.35
C LEU A 291 -5.60 -12.71 -7.31
N LEU A 292 -5.43 -12.27 -6.06
CA LEU A 292 -5.10 -13.16 -4.94
C LEU A 292 -6.20 -14.18 -4.73
N GLY A 293 -7.46 -13.72 -4.72
CA GLY A 293 -8.62 -14.60 -4.61
C GLY A 293 -8.77 -15.60 -5.74
N LEU A 294 -8.33 -15.25 -6.96
CA LEU A 294 -8.40 -16.13 -8.10
C LEU A 294 -7.13 -16.98 -8.19
N ASP A 295 -6.17 -16.80 -7.28
CA ASP A 295 -4.97 -17.61 -7.26
C ASP A 295 -4.04 -17.34 -8.44
N ALA A 296 -4.03 -16.11 -8.98
CA ALA A 296 -3.07 -15.67 -9.98
C ALA A 296 -1.81 -15.44 -9.14
N PHE A 297 -2.03 -14.94 -7.92
CA PHE A 297 -0.95 -14.83 -6.93
C PHE A 297 -1.38 -15.77 -5.77
N ASN A 298 -0.47 -16.56 -5.20
CA ASN A 298 -0.90 -17.56 -4.23
C ASN A 298 -0.81 -17.05 -2.80
N ARG A 299 -1.90 -16.96 -2.06
CA ARG A 299 -1.90 -16.42 -0.70
C ARG A 299 -1.04 -17.19 0.30
N ALA A 300 -0.92 -18.49 0.18
CA ALA A 300 -0.13 -19.36 1.01
C ALA A 300 1.36 -19.26 0.69
N GLY A 301 1.74 -18.53 -0.36
CA GLY A 301 3.13 -18.24 -0.60
C GLY A 301 3.77 -19.16 -1.64
N VAL A 302 3.01 -19.97 -2.35
CA VAL A 302 3.71 -20.79 -3.39
C VAL A 302 3.85 -20.00 -4.69
N ASN A 303 4.72 -19.02 -4.74
CA ASN A 303 5.08 -18.14 -5.81
C ASN A 303 6.60 -18.09 -6.02
N GLY A 304 7.08 -17.47 -7.10
CA GLY A 304 8.51 -17.30 -7.31
C GLY A 304 9.28 -18.61 -7.26
N PRO A 305 10.36 -18.65 -6.48
CA PRO A 305 11.22 -19.82 -6.38
C PRO A 305 10.55 -20.94 -5.61
N PHE A 306 9.44 -20.68 -4.92
CA PHE A 306 8.75 -21.69 -4.14
C PHE A 306 7.85 -22.55 -4.97
N ILE A 307 7.53 -22.12 -6.21
CA ILE A 307 6.69 -22.98 -7.06
C ILE A 307 7.38 -24.31 -7.39
N ASP A 308 8.70 -24.32 -7.49
CA ASP A 308 9.47 -25.50 -7.86
C ASP A 308 10.01 -26.30 -6.68
N ILE A 309 9.70 -25.94 -5.43
CA ILE A 309 10.23 -26.69 -4.29
C ILE A 309 9.09 -27.06 -3.36
N ASP A 310 9.32 -27.93 -2.36
CA ASP A 310 8.15 -28.38 -1.58
C ASP A 310 8.07 -28.02 -0.11
N ARG A 311 9.18 -27.68 0.49
CA ARG A 311 9.28 -27.50 1.92
C ARG A 311 8.96 -26.10 2.44
N GLN A 312 9.17 -25.10 1.60
CA GLN A 312 9.06 -23.70 1.96
C GLN A 312 8.00 -22.94 1.18
N ALA A 313 7.53 -21.86 1.81
CA ALA A 313 6.55 -20.98 1.16
C ALA A 313 7.11 -19.57 1.22
N GLY A 314 6.80 -18.68 0.25
CA GLY A 314 7.38 -17.34 0.44
C GLY A 314 6.47 -16.50 1.38
N PHE A 315 6.95 -15.37 1.85
CA PHE A 315 6.13 -14.43 2.61
C PHE A 315 6.73 -13.05 2.42
N VAL A 316 7.79 -12.74 3.14
CA VAL A 316 8.45 -11.43 3.03
C VAL A 316 8.95 -11.26 1.60
N ASN A 317 9.47 -12.36 1.05
CA ASN A 317 9.86 -12.38 -0.35
C ASN A 317 8.96 -13.41 -0.99
N PHE A 318 8.39 -13.03 -2.16
CA PHE A 318 7.55 -13.92 -2.94
C PHE A 318 6.29 -14.42 -2.26
N GLY A 319 5.73 -13.60 -1.34
CA GLY A 319 4.44 -13.86 -0.73
C GLY A 319 3.66 -12.54 -0.52
N ILE A 320 2.49 -12.62 0.15
CA ILE A 320 1.64 -11.42 0.30
C ILE A 320 2.31 -10.24 0.95
N SER A 321 3.28 -10.45 1.84
CA SER A 321 4.01 -9.34 2.42
C SER A 321 4.69 -8.56 1.29
N HIS A 322 5.38 -9.31 0.40
CA HIS A 322 6.12 -8.70 -0.70
C HIS A 322 5.17 -7.95 -1.61
N TYR A 323 4.04 -8.64 -1.97
CA TYR A 323 3.08 -8.03 -2.89
C TYR A 323 2.47 -6.74 -2.41
N PHE A 324 1.80 -6.71 -1.25
CA PHE A 324 1.16 -5.54 -0.68
C PHE A 324 2.18 -4.49 -0.32
N ARG A 325 3.42 -4.86 0.05
CA ARG A 325 4.43 -3.83 0.31
C ARG A 325 4.70 -2.96 -0.92
N LEU A 326 4.96 -3.63 -2.05
CA LEU A 326 5.31 -2.89 -3.30
C LEU A 326 4.12 -2.17 -3.94
N ILE A 327 2.92 -2.64 -3.69
CA ILE A 327 1.68 -2.02 -4.17
C ILE A 327 1.60 -0.60 -3.64
N GLY A 328 2.11 -0.37 -2.43
CA GLY A 328 2.29 0.99 -1.93
C GLY A 328 3.68 1.60 -2.25
N ALA A 329 4.74 0.83 -2.06
CA ALA A 329 6.07 1.38 -2.20
C ALA A 329 6.41 1.82 -3.63
N ALA A 330 5.85 1.10 -4.61
CA ALA A 330 6.11 1.53 -6.00
C ALA A 330 5.55 2.89 -6.32
N GLU A 331 4.72 3.54 -5.47
CA GLU A 331 4.30 4.94 -5.67
C GLU A 331 5.46 5.87 -5.61
N LEU A 332 6.68 5.47 -5.19
CA LEU A 332 7.86 6.31 -5.22
C LEU A 332 8.19 6.83 -6.63
N ALA A 333 7.75 6.20 -7.71
CA ALA A 333 7.98 6.73 -9.07
C ALA A 333 7.32 8.08 -9.28
N GLN A 334 6.34 8.45 -8.40
CA GLN A 334 5.73 9.78 -8.49
C GLN A 334 6.72 10.90 -8.33
N ARG A 335 7.86 10.65 -7.63
CA ARG A 335 8.83 11.75 -7.51
C ARG A 335 9.45 12.09 -8.91
N SER A 336 9.65 11.08 -9.71
CA SER A 336 10.24 11.27 -11.04
C SER A 336 9.16 11.93 -11.95
N SER A 337 7.93 11.42 -11.83
CA SER A 337 6.80 12.05 -12.47
C SER A 337 6.75 13.54 -12.17
N TRP A 338 6.98 13.97 -10.90
CA TRP A 338 6.97 15.39 -10.57
C TRP A 338 8.09 16.23 -11.20
N TYR A 339 9.31 15.71 -11.26
CA TYR A 339 10.45 16.33 -11.93
C TYR A 339 10.16 16.60 -13.43
N GLN A 340 9.58 15.61 -14.04
CA GLN A 340 9.17 15.65 -15.46
C GLN A 340 8.10 16.72 -15.68
N LYS A 341 7.06 16.70 -14.82
CA LYS A 341 6.00 17.70 -14.86
C LYS A 341 6.51 19.12 -14.74
N TRP A 342 7.25 19.41 -13.66
CA TRP A 342 7.62 20.78 -13.40
C TRP A 342 9.02 21.19 -13.88
N GLN A 343 10.06 20.49 -13.48
CA GLN A 343 11.42 20.94 -13.81
C GLN A 343 11.76 20.80 -15.29
N VAL A 344 11.15 19.86 -15.99
CA VAL A 344 11.44 19.59 -17.40
C VAL A 344 10.45 20.08 -18.45
N HIS A 345 9.28 19.50 -18.55
CA HIS A 345 8.34 19.81 -19.58
C HIS A 345 7.38 20.94 -19.29
N ARG A 346 6.72 21.04 -18.13
CA ARG A 346 5.82 22.15 -17.83
C ARG A 346 4.74 22.43 -18.90
N PHE A 347 4.17 21.40 -19.46
CA PHE A 347 3.19 21.50 -20.52
C PHE A 347 1.77 21.91 -20.06
N ALA A 348 1.09 22.70 -20.90
CA ALA A 348 -0.25 23.18 -20.67
C ALA A 348 -1.28 22.08 -20.61
N ARG A 349 -2.20 22.12 -19.66
CA ARG A 349 -3.30 21.19 -19.61
C ARG A 349 -4.24 21.36 -20.79
N PRO A 350 -5.02 20.35 -21.13
CA PRO A 350 -6.00 20.37 -22.19
C PRO A 350 -7.01 21.49 -22.03
N GLU A 351 -7.42 21.83 -20.79
CA GLU A 351 -8.39 22.96 -20.68
C GLU A 351 -7.78 24.29 -21.06
N ALA A 352 -6.51 24.52 -20.79
CA ALA A 352 -5.84 25.75 -21.13
C ALA A 352 -5.68 25.89 -22.65
N LEU A 353 -5.30 24.82 -23.32
CA LEU A 353 -5.24 24.84 -24.80
C LEU A 353 -6.64 25.01 -25.35
N GLY A 354 -7.65 24.45 -24.67
CA GLY A 354 -9.05 24.61 -25.08
C GLY A 354 -9.44 26.10 -25.06
N GLY A 355 -8.98 26.88 -24.12
CA GLY A 355 -9.20 28.30 -24.02
C GLY A 355 -8.53 29.02 -25.23
N THR A 356 -7.28 28.69 -25.51
CA THR A 356 -6.54 29.25 -26.59
C THR A 356 -7.27 28.97 -27.91
N LEU A 357 -7.68 27.75 -28.11
CA LEU A 357 -8.44 27.34 -29.29
C LEU A 357 -9.73 28.15 -29.39
N HIS A 358 -10.58 28.09 -28.36
CA HIS A 358 -11.84 28.85 -28.39
C HIS A 358 -11.62 30.31 -28.76
N LEU A 359 -10.65 30.99 -28.17
CA LEU A 359 -10.39 32.39 -28.49
C LEU A 359 -9.88 32.60 -29.91
N THR A 360 -9.06 31.66 -30.38
CA THR A 360 -8.56 31.73 -31.75
C THR A 360 -9.76 31.58 -32.71
N ILE A 361 -10.66 30.66 -32.42
CA ILE A 361 -11.84 30.48 -33.28
C ILE A 361 -12.71 31.73 -33.26
N LYS A 362 -12.77 32.42 -32.13
CA LYS A 362 -13.56 33.64 -32.03
C LYS A 362 -12.81 34.81 -32.64
N GLY A 363 -11.52 34.68 -32.97
CA GLY A 363 -10.81 35.78 -33.60
C GLY A 363 -10.21 36.74 -32.58
N GLU A 364 -10.19 36.36 -31.30
CA GLU A 364 -9.57 37.21 -30.30
C GLU A 364 -8.11 36.84 -30.04
N LEU A 365 -7.70 35.66 -30.45
CA LEU A 365 -6.31 35.21 -30.40
C LEU A 365 -5.99 34.64 -31.79
N ASN A 366 -4.70 34.42 -32.07
CA ASN A 366 -4.35 33.85 -33.39
C ASN A 366 -3.37 32.70 -33.20
N ALA A 367 -3.70 31.73 -32.34
CA ALA A 367 -2.77 30.62 -32.09
C ALA A 367 -2.60 29.78 -33.37
N ASP A 368 -1.33 29.38 -33.56
CA ASP A 368 -1.00 28.60 -34.75
C ASP A 368 -1.37 27.15 -34.69
N PHE A 369 -2.60 26.76 -34.31
CA PHE A 369 -2.89 25.33 -34.28
C PHE A 369 -2.86 24.76 -35.71
N ASP A 370 -2.55 23.47 -35.84
CA ASP A 370 -2.63 22.85 -37.16
C ASP A 370 -4.05 22.91 -37.71
N LEU A 371 -4.16 23.14 -39.04
CA LEU A 371 -5.49 23.25 -39.65
C LEU A 371 -6.34 22.02 -39.50
N SER A 372 -5.80 20.82 -39.23
CA SER A 372 -6.60 19.63 -39.02
C SER A 372 -7.45 19.77 -37.75
N LEU A 373 -7.12 20.69 -36.85
CA LEU A 373 -7.99 20.89 -35.67
C LEU A 373 -8.83 22.16 -35.86
N LEU A 374 -8.15 23.22 -36.28
CA LEU A 374 -8.68 24.56 -36.47
C LEU A 374 -9.77 24.57 -37.53
N GLU A 375 -9.70 23.71 -38.53
CA GLU A 375 -10.71 23.59 -39.56
C GLU A 375 -11.53 22.33 -39.42
N ASN A 376 -11.56 21.72 -38.21
CA ASN A 376 -12.28 20.47 -38.01
C ASN A 376 -13.73 20.80 -37.70
N ALA A 377 -14.50 21.05 -38.77
CA ALA A 377 -15.88 21.45 -38.63
C ALA A 377 -16.73 20.43 -37.88
N GLU A 378 -16.61 19.16 -38.21
CA GLU A 378 -17.41 18.13 -37.61
C GLU A 378 -17.30 18.11 -36.07
N LEU A 379 -16.08 18.26 -35.58
CA LEU A 379 -15.81 18.27 -34.14
C LEU A 379 -16.23 19.62 -33.54
N LEU A 380 -15.86 20.76 -34.14
CA LEU A 380 -16.16 22.04 -33.54
C LEU A 380 -17.64 22.39 -33.52
N LYS A 381 -18.40 21.94 -34.52
CA LYS A 381 -19.84 22.19 -34.48
C LYS A 381 -20.47 21.43 -33.32
N ARG A 382 -20.04 20.18 -33.06
CA ARG A 382 -20.60 19.40 -31.97
C ARG A 382 -20.24 20.05 -30.64
N VAL A 383 -19.03 20.58 -30.51
CA VAL A 383 -18.63 21.25 -29.27
C VAL A 383 -19.48 22.50 -29.06
N ALA A 384 -19.56 23.36 -30.09
CA ALA A 384 -20.42 24.54 -30.03
C ALA A 384 -21.83 24.19 -29.54
N ALA A 385 -22.40 23.16 -30.15
CA ALA A 385 -23.76 22.74 -29.81
C ALA A 385 -23.95 22.22 -28.37
N ILE A 386 -23.00 21.43 -27.86
CA ILE A 386 -23.20 20.86 -26.52
C ILE A 386 -23.00 21.97 -25.49
N ASN A 387 -22.14 22.92 -25.78
CA ASN A 387 -21.88 24.02 -24.86
C ASN A 387 -23.05 25.00 -24.85
N ALA A 388 -23.52 25.39 -26.03
CA ALA A 388 -24.66 26.32 -26.13
C ALA A 388 -25.87 25.72 -25.41
N ALA A 389 -26.15 24.43 -25.51
CA ALA A 389 -27.27 23.79 -24.86
C ALA A 389 -27.21 23.94 -23.33
N GLN A 390 -26.01 23.96 -22.78
CA GLN A 390 -25.64 24.07 -21.38
C GLN A 390 -25.57 25.50 -20.88
N ASN A 391 -25.07 26.43 -21.70
CA ASN A 391 -24.76 27.77 -21.24
C ASN A 391 -25.93 28.74 -21.13
N PRO A 392 -25.79 29.73 -20.26
CA PRO A 392 -26.77 30.81 -20.11
C PRO A 392 -26.90 31.58 -21.41
N ASN A 393 -28.13 31.78 -21.86
CA ASN A 393 -28.47 32.45 -23.10
C ASN A 393 -28.04 31.62 -24.30
N ASN A 394 -27.78 30.33 -24.12
CA ASN A 394 -27.27 29.45 -25.15
C ASN A 394 -26.02 30.01 -25.81
N GLU A 395 -25.12 30.66 -25.08
CA GLU A 395 -23.93 31.22 -25.70
C GLU A 395 -23.01 30.09 -26.18
N VAL A 396 -22.53 30.20 -27.39
CA VAL A 396 -21.62 29.24 -27.98
C VAL A 396 -20.19 29.46 -27.47
N THR A 397 -19.55 28.36 -27.02
CA THR A 397 -18.11 28.43 -26.72
C THR A 397 -17.51 27.14 -27.33
N LEU A 399 -14.90 25.78 -25.69
CA LEU A 399 -14.03 25.35 -24.60
C LEU A 399 -14.13 23.85 -24.45
N LEU A 400 -13.06 23.23 -23.93
CA LEU A 400 -13.14 21.78 -23.72
C LEU A 400 -13.98 21.45 -22.50
N PRO A 401 -15.09 20.77 -22.68
CA PRO A 401 -16.02 20.46 -21.61
C PRO A 401 -15.35 19.58 -20.55
N GLN A 402 -15.38 20.03 -19.30
CA GLN A 402 -14.75 19.25 -18.22
C GLN A 402 -15.79 18.43 -17.50
N ALA A 403 -15.51 17.20 -17.02
CA ALA A 403 -16.46 16.38 -16.30
C ALA A 403 -16.48 16.80 -14.80
N ILE A 404 -15.65 17.74 -14.43
CA ILE A 404 -15.53 18.26 -13.08
C ILE A 404 -15.39 19.78 -13.10
N GLN A 405 -16.07 20.38 -12.14
CA GLN A 405 -16.10 21.84 -11.99
C GLN A 405 -14.76 22.46 -11.77
N GLU A 406 -13.84 21.77 -11.07
CA GLU A 406 -12.53 22.33 -10.78
C GLU A 406 -11.51 22.19 -11.93
N GLY A 407 -11.82 21.34 -12.88
CA GLY A 407 -10.88 21.19 -14.03
C GLY A 407 -9.69 20.36 -13.53
N SER A 408 -8.51 20.60 -14.08
CA SER A 408 -7.35 19.82 -13.69
C SER A 408 -6.79 20.17 -12.33
N PRO A 409 -6.02 19.29 -11.71
CA PRO A 409 -5.20 19.67 -10.56
C PRO A 409 -4.26 20.79 -10.93
N THR A 410 -3.79 21.56 -9.94
CA THR A 410 -2.85 22.65 -10.17
C THR A 410 -1.40 22.16 -10.25
N HIS A 411 -1.13 21.39 -11.32
CA HIS A 411 0.25 20.94 -11.66
C HIS A 411 0.22 20.60 -13.17
N PRO A 412 1.37 20.66 -13.81
CA PRO A 412 1.48 20.49 -15.27
C PRO A 412 0.94 19.19 -15.77
N SER A 413 0.57 19.18 -17.07
CA SER A 413 -0.06 18.04 -17.67
C SER A 413 0.76 16.77 -17.80
N TYR A 414 2.03 16.90 -18.20
CA TYR A 414 2.86 15.79 -18.65
C TYR A 414 4.01 15.35 -17.78
N PRO A 415 4.09 14.09 -17.42
CA PRO A 415 3.09 13.12 -17.68
C PRO A 415 1.96 13.10 -16.61
N SER A 416 1.06 12.19 -16.79
CA SER A 416 0.00 11.98 -15.81
C SER A 416 0.59 11.18 -14.63
N GLY A 417 0.35 11.67 -13.43
CA GLY A 417 0.78 11.00 -12.19
C GLY A 417 -0.01 9.73 -11.95
N HIS A 418 -1.32 9.74 -12.33
CA HIS A 418 -2.13 8.53 -12.28
C HIS A 418 -1.54 7.46 -13.21
N ALA A 419 -1.10 7.85 -14.43
CA ALA A 419 -0.51 6.89 -15.38
C ALA A 419 0.88 6.39 -14.89
N THR A 420 1.69 7.31 -14.37
CA THR A 420 2.97 6.84 -13.84
C THR A 420 2.78 5.83 -12.70
N GLN A 421 1.90 6.12 -11.72
CA GLN A 421 1.74 5.20 -10.58
C GLN A 421 1.03 3.96 -11.03
N ASN A 422 0.10 4.03 -12.00
CA ASN A 422 -0.58 2.79 -12.43
C ASN A 422 0.34 1.89 -13.29
N GLY A 423 1.30 2.50 -13.98
CA GLY A 423 2.26 1.68 -14.76
C GLY A 423 3.12 0.95 -13.70
N ALA A 424 3.51 1.67 -12.62
CA ALA A 424 4.30 1.02 -11.56
C ALA A 424 3.51 -0.10 -10.89
N PHE A 425 2.21 0.11 -10.61
CA PHE A 425 1.48 -0.95 -9.90
C PHE A 425 1.25 -2.14 -10.81
N ALA A 426 0.95 -1.93 -12.09
CA ALA A 426 0.75 -3.06 -12.99
C ALA A 426 2.06 -3.88 -13.08
N THR A 427 3.19 -3.22 -13.07
CA THR A 427 4.50 -3.90 -13.18
C THR A 427 4.77 -4.75 -11.95
N VAL A 428 4.55 -4.19 -10.75
CA VAL A 428 4.63 -4.95 -9.50
C VAL A 428 3.74 -6.15 -9.60
N LEU A 429 2.44 -6.09 -9.94
CA LEU A 429 1.59 -7.26 -10.02
C LEU A 429 2.10 -8.30 -11.01
N LYS A 430 2.38 -7.92 -12.25
CA LYS A 430 2.88 -8.89 -13.23
C LYS A 430 4.17 -9.57 -12.77
N ALA A 431 5.10 -8.86 -12.18
CA ALA A 431 6.37 -9.43 -11.75
C ALA A 431 6.19 -10.48 -10.64
N LEU A 432 5.27 -10.20 -9.70
CA LEU A 432 5.05 -11.19 -8.63
C LEU A 432 4.24 -12.36 -9.10
N ILE A 433 3.28 -12.13 -10.00
CA ILE A 433 2.51 -13.26 -10.54
C ILE A 433 3.35 -14.10 -11.49
N GLY A 434 4.31 -13.49 -12.21
CA GLY A 434 5.17 -14.26 -13.11
C GLY A 434 4.51 -14.49 -14.48
N LEU A 435 5.38 -14.73 -15.48
CA LEU A 435 4.98 -14.94 -16.86
C LEU A 435 3.99 -16.05 -17.10
N ASP A 436 4.23 -17.22 -16.53
CA ASP A 436 3.33 -18.35 -16.73
C ASP A 436 1.89 -18.06 -16.30
N ARG A 437 1.75 -17.65 -15.03
CA ARG A 437 0.39 -17.35 -14.53
C ARG A 437 -0.15 -16.13 -15.23
N GLY A 438 0.72 -15.22 -15.64
CA GLY A 438 0.31 -14.01 -16.39
C GLY A 438 -0.44 -14.37 -17.66
N GLY A 439 -0.10 -15.50 -18.29
CA GLY A 439 -0.75 -15.91 -19.52
C GLY A 439 -2.00 -16.73 -19.34
N ASP A 440 -2.40 -17.08 -18.09
CA ASP A 440 -3.61 -17.89 -17.95
C ASP A 440 -4.81 -16.99 -18.23
N CYS A 441 -5.94 -17.56 -18.60
CA CYS A 441 -7.14 -16.83 -18.91
C CYS A 441 -7.97 -16.48 -17.68
N TYR A 442 -8.52 -15.26 -17.63
CA TYR A 442 -9.38 -14.81 -16.56
C TYR A 442 -10.64 -15.65 -16.54
N PRO A 443 -10.99 -16.26 -15.40
CA PRO A 443 -12.14 -17.11 -15.28
C PRO A 443 -13.44 -16.36 -15.23
N ASP A 444 -14.47 -16.82 -15.93
CA ASP A 444 -15.78 -16.18 -15.92
C ASP A 444 -15.79 -14.68 -16.14
N PRO A 445 -15.18 -14.22 -17.24
CA PRO A 445 -15.14 -12.80 -17.55
C PRO A 445 -16.54 -12.26 -17.83
N VAL A 446 -16.74 -11.00 -17.46
CA VAL A 446 -18.02 -10.32 -17.61
C VAL A 446 -17.83 -8.90 -18.14
N PRO A 448 -20.42 -5.18 -17.73
CA PRO A 448 -21.66 -4.60 -17.29
C PRO A 448 -22.64 -4.30 -18.44
N ASP A 449 -23.92 -4.38 -18.15
CA ASP A 449 -24.91 -4.04 -19.19
C ASP A 449 -24.87 -2.54 -19.39
N ASP A 450 -25.56 -2.03 -20.40
CA ASP A 450 -25.47 -0.61 -20.74
C ASP A 450 -25.95 0.30 -19.62
N ASP A 451 -26.83 -0.16 -18.75
CA ASP A 451 -27.25 0.68 -17.61
C ASP A 451 -26.30 0.49 -16.44
N GLY A 452 -25.37 -0.48 -16.51
CA GLY A 452 -24.45 -0.72 -15.41
C GLY A 452 -25.16 -1.28 -14.17
N LEU A 453 -26.21 -2.06 -14.36
CA LEU A 453 -26.99 -2.64 -13.27
C LEU A 453 -26.75 -4.13 -13.13
N LYS A 454 -26.33 -4.82 -14.18
CA LYS A 454 -26.13 -6.25 -14.21
C LYS A 454 -24.84 -6.62 -14.94
N LEU A 455 -24.24 -7.74 -14.56
CA LEU A 455 -23.02 -8.19 -15.24
C LEU A 455 -23.39 -9.18 -16.33
N ILE A 456 -22.86 -9.07 -17.54
CA ILE A 456 -23.21 -10.05 -18.60
C ILE A 456 -22.03 -10.97 -18.83
N ASP A 457 -22.19 -12.28 -18.93
CA ASP A 457 -21.11 -13.20 -19.21
C ASP A 457 -20.38 -12.96 -20.53
N PHE A 458 -19.08 -12.72 -20.54
CA PHE A 458 -18.37 -12.47 -21.78
C PHE A 458 -17.93 -13.81 -22.38
N ARG A 459 -18.28 -14.00 -23.64
CA ARG A 459 -17.96 -15.22 -24.37
C ARG A 459 -17.06 -14.93 -25.57
N GLY A 460 -15.75 -14.86 -25.41
CA GLY A 460 -14.91 -14.52 -26.57
C GLY A 460 -13.49 -15.01 -26.31
N SER A 461 -12.50 -14.29 -26.79
CA SER A 461 -11.12 -14.67 -26.61
C SER A 461 -10.69 -14.70 -25.11
N CYS A 462 -9.64 -15.46 -24.88
CA CYS A 462 -9.03 -15.58 -23.58
C CYS A 462 -8.67 -14.18 -23.09
N LEU A 463 -9.09 -13.77 -21.91
CA LEU A 463 -8.55 -12.48 -21.43
C LEU A 463 -7.43 -12.85 -20.45
N THR A 464 -6.16 -12.65 -20.80
CA THR A 464 -5.10 -13.07 -19.90
C THR A 464 -5.02 -12.18 -18.66
N PHE A 465 -4.57 -12.80 -17.55
CA PHE A 465 -4.36 -12.04 -16.33
C PHE A 465 -3.48 -10.82 -16.57
N GLU A 466 -2.36 -11.00 -17.29
CA GLU A 466 -1.47 -9.87 -17.54
C GLU A 466 -2.13 -8.79 -18.41
N GLY A 467 -2.99 -9.20 -19.33
CA GLY A 467 -3.70 -8.27 -20.19
C GLY A 467 -4.76 -7.52 -19.37
N GLU A 468 -5.40 -8.24 -18.44
CA GLU A 468 -6.42 -7.52 -17.62
C GLU A 468 -5.80 -6.58 -16.66
N ILE A 469 -4.57 -6.82 -16.22
CA ILE A 469 -3.81 -5.94 -15.33
C ILE A 469 -3.39 -4.74 -16.18
N ASN A 470 -2.84 -5.03 -17.37
CA ASN A 470 -2.51 -3.86 -18.23
C ASN A 470 -3.78 -3.06 -18.53
N LYS A 471 -4.90 -3.70 -18.86
CA LYS A 471 -6.12 -2.96 -19.14
C LYS A 471 -6.52 -2.05 -18.01
N LEU A 472 -6.36 -2.54 -16.77
CA LEU A 472 -6.68 -1.77 -15.58
C LEU A 472 -5.85 -0.53 -15.56
N ALA A 473 -4.54 -0.68 -15.76
CA ALA A 473 -3.72 0.53 -15.75
C ALA A 473 -4.07 1.53 -16.85
N VAL A 474 -4.36 1.07 -18.05
CA VAL A 474 -4.68 1.99 -19.16
C VAL A 474 -6.08 2.58 -18.88
N ASN A 475 -6.99 1.85 -18.26
CA ASN A 475 -8.30 2.38 -17.89
C ASN A 475 -8.12 3.59 -16.97
N VAL A 476 -7.34 3.47 -15.91
CA VAL A 476 -7.12 4.57 -14.98
C VAL A 476 -6.47 5.76 -15.69
N ALA A 477 -5.41 5.50 -16.48
CA ALA A 477 -4.77 6.58 -17.19
C ALA A 477 -5.79 7.31 -18.10
N PHE A 478 -6.50 6.58 -18.93
CA PHE A 478 -7.41 7.15 -19.92
C PHE A 478 -8.70 7.70 -19.22
N GLY A 479 -9.01 7.25 -18.01
CA GLY A 479 -10.08 7.83 -17.23
C GLY A 479 -9.78 9.27 -16.88
N ARG A 480 -8.51 9.66 -16.67
CA ARG A 480 -8.22 11.05 -16.37
C ARG A 480 -8.35 11.91 -17.63
N GLN A 481 -7.94 11.30 -18.76
CA GLN A 481 -8.10 11.94 -20.05
C GLN A 481 -9.60 12.21 -20.29
N MET A 482 -10.45 11.25 -20.00
CA MET A 482 -11.88 11.30 -20.07
C MET A 482 -12.52 12.29 -19.10
N LEU A 483 -11.86 12.75 -18.05
CA LEU A 483 -12.35 13.87 -17.26
C LEU A 483 -12.13 15.20 -17.98
N GLY A 484 -11.16 15.26 -18.90
CA GLY A 484 -10.81 16.45 -19.63
C GLY A 484 -9.45 17.01 -19.28
N ILE A 485 -8.70 16.29 -18.42
CA ILE A 485 -7.50 16.94 -17.84
C ILE A 485 -6.17 16.36 -18.25
N HIS A 486 -6.11 15.38 -19.17
CA HIS A 486 -4.78 14.92 -19.65
C HIS A 486 -4.93 14.53 -21.13
N TYR A 487 -3.79 14.40 -21.79
CA TYR A 487 -3.84 13.97 -23.21
C TYR A 487 -3.31 12.54 -23.25
N ARG A 488 -3.51 11.80 -24.34
CA ARG A 488 -3.00 10.46 -24.49
C ARG A 488 -1.48 10.42 -24.23
N PHE A 489 -0.69 11.44 -24.61
CA PHE A 489 0.75 11.35 -24.39
C PHE A 489 1.06 11.36 -22.88
N ASP A 490 0.28 12.11 -22.12
CA ASP A 490 0.42 12.06 -20.67
C ASP A 490 0.23 10.65 -20.14
N GLY A 491 -0.76 9.92 -20.63
CA GLY A 491 -1.13 8.62 -20.11
C GLY A 491 -0.10 7.59 -20.62
N ILE A 492 0.12 7.51 -21.93
CA ILE A 492 1.01 6.46 -22.42
C ILE A 492 2.41 6.64 -21.87
N GLN A 493 3.01 7.82 -21.96
CA GLN A 493 4.38 8.05 -21.52
C GLN A 493 4.46 7.95 -19.98
N GLY A 494 3.40 8.31 -19.23
CA GLY A 494 3.49 8.17 -17.74
C GLY A 494 3.49 6.64 -17.50
N LEU A 495 2.66 5.87 -18.17
CA LEU A 495 2.67 4.40 -17.91
C LEU A 495 4.08 3.80 -18.11
N LEU A 496 4.75 4.21 -19.18
CA LEU A 496 6.10 3.66 -19.47
C LEU A 496 7.11 4.17 -18.46
N LEU A 497 7.05 5.42 -18.05
CA LEU A 497 7.88 5.96 -17.00
C LEU A 497 7.80 5.09 -15.73
N GLY A 498 6.59 4.76 -15.33
CA GLY A 498 6.23 3.96 -14.18
C GLY A 498 6.78 2.52 -14.27
N GLU A 499 6.65 1.88 -15.42
CA GLU A 499 7.22 0.56 -15.64
C GLU A 499 8.74 0.59 -15.53
N THR A 500 9.42 1.53 -16.18
CA THR A 500 10.88 1.56 -16.16
C THR A 500 11.43 1.75 -14.75
N ILE A 501 10.88 2.75 -14.03
CA ILE A 501 11.34 2.98 -12.66
C ILE A 501 11.10 1.73 -11.80
N THR A 502 9.93 1.10 -11.98
CA THR A 502 9.60 -0.08 -11.19
C THR A 502 10.50 -1.28 -11.50
N VAL A 503 10.91 -1.48 -12.74
CA VAL A 503 11.87 -2.55 -13.06
C VAL A 503 13.17 -2.24 -12.32
N ARG A 504 13.62 -0.99 -12.30
CA ARG A 504 14.86 -0.63 -11.60
C ARG A 504 14.80 -0.98 -10.09
N THR A 505 13.74 -0.64 -9.37
CA THR A 505 13.56 -0.96 -7.95
C THR A 505 13.44 -2.45 -7.71
N LEU A 506 12.61 -3.16 -8.47
CA LEU A 506 12.42 -4.56 -8.45
C LEU A 506 13.79 -5.30 -8.56
N HIS A 507 14.59 -4.87 -9.54
CA HIS A 507 15.91 -5.51 -9.77
C HIS A 507 16.83 -5.19 -8.61
N GLN A 508 16.87 -3.95 -8.16
CA GLN A 508 17.67 -3.58 -7.00
C GLN A 508 17.35 -4.49 -5.79
N GLU A 509 16.09 -4.68 -5.45
CA GLU A 509 15.68 -5.54 -4.33
C GLU A 509 16.02 -7.01 -4.57
N LEU A 510 15.75 -7.54 -5.75
CA LEU A 510 16.05 -8.90 -6.11
C LEU A 510 17.52 -9.26 -5.84
N MET A 511 18.47 -8.38 -6.11
CA MET A 511 19.88 -8.60 -5.93
C MET A 511 20.26 -8.79 -4.46
N THR A 512 19.46 -8.27 -3.52
CA THR A 512 19.74 -8.41 -2.10
C THR A 512 19.23 -9.73 -1.49
N PHE A 513 18.27 -10.41 -2.10
CA PHE A 513 17.67 -11.55 -1.44
C PHE A 513 18.61 -12.78 -1.28
N ALA A 514 18.51 -13.43 -0.11
CA ALA A 514 19.27 -14.62 0.18
C ALA A 514 18.86 -15.77 -0.73
N GLU A 515 17.59 -16.07 -0.89
CA GLU A 515 17.24 -17.23 -1.69
C GLU A 515 17.50 -17.00 -3.17
N GLU A 516 17.87 -18.09 -3.86
CA GLU A 516 18.10 -17.99 -5.29
C GLU A 516 16.74 -17.71 -5.95
N SER A 517 16.69 -16.68 -6.77
CA SER A 517 15.43 -16.40 -7.46
C SER A 517 15.59 -15.40 -8.60
N THR A 518 14.54 -15.26 -9.39
CA THR A 518 14.56 -14.25 -10.46
C THR A 518 13.18 -13.58 -10.52
N PHE A 519 13.04 -12.63 -11.46
CA PHE A 519 11.71 -12.15 -11.81
C PHE A 519 11.60 -12.33 -13.35
N GLU A 520 10.41 -12.67 -13.84
CA GLU A 520 10.17 -12.78 -15.25
C GLU A 520 8.73 -12.39 -15.59
N PHE A 521 8.48 -11.47 -16.52
CA PHE A 521 7.12 -11.09 -16.84
C PHE A 521 7.09 -10.27 -18.13
N ARG A 522 5.90 -10.03 -18.65
CA ARG A 522 5.77 -9.29 -19.92
C ARG A 522 5.51 -7.80 -19.72
N LEU A 523 6.35 -6.98 -20.38
CA LEU A 523 6.23 -5.55 -20.37
C LEU A 523 5.01 -5.11 -21.18
N PHE A 524 4.60 -3.85 -20.99
CA PHE A 524 3.44 -3.32 -21.72
C PHE A 524 3.55 -3.50 -23.24
N THR A 525 4.72 -3.25 -23.81
CA THR A 525 4.85 -3.44 -25.27
C THR A 525 5.04 -4.87 -25.74
N GLY A 526 5.01 -5.86 -24.86
CA GLY A 526 5.02 -7.24 -25.21
C GLY A 526 6.27 -8.07 -25.03
N GLU A 527 7.41 -7.44 -24.85
CA GLU A 527 8.65 -8.19 -24.66
C GLU A 527 8.65 -8.85 -23.26
N VAL A 528 9.36 -9.96 -23.14
CA VAL A 528 9.52 -10.64 -21.87
C VAL A 528 10.81 -10.19 -21.23
N ILE A 529 10.69 -9.62 -20.01
CA ILE A 529 11.93 -9.23 -19.32
C ILE A 529 12.25 -10.29 -18.27
N LYS A 530 13.53 -10.55 -17.99
CA LYS A 530 13.91 -11.51 -16.97
C LYS A 530 15.03 -10.86 -16.19
N LEU A 531 14.86 -10.80 -14.85
CA LEU A 531 15.85 -10.11 -14.04
C LEU A 531 16.68 -11.15 -13.25
N PHE A 532 18.00 -10.94 -13.16
CA PHE A 532 18.81 -11.92 -12.44
C PHE A 532 19.51 -11.27 -11.25
N GLN A 533 19.82 -12.10 -10.24
CA GLN A 533 20.48 -11.60 -9.02
C GLN A 533 21.87 -11.09 -9.22
N ASP A 534 22.60 -11.46 -10.29
CA ASP A 534 23.92 -10.85 -10.49
C ASP A 534 23.82 -9.50 -11.18
N GLY A 535 22.64 -8.99 -11.50
CA GLY A 535 22.64 -7.62 -12.09
C GLY A 535 22.39 -7.69 -13.60
N THR A 536 22.32 -8.89 -14.15
CA THR A 536 22.08 -9.00 -15.58
C THR A 536 20.59 -9.11 -15.86
N PHE A 537 20.24 -8.81 -17.11
CA PHE A 537 18.82 -8.90 -17.47
C PHE A 537 18.66 -9.15 -18.96
N THR A 538 17.57 -9.80 -19.32
CA THR A 538 17.34 -10.06 -20.73
C THR A 538 16.02 -9.45 -21.20
N ILE A 539 15.95 -9.22 -22.52
CA ILE A 539 14.71 -8.81 -23.16
C ILE A 539 14.45 -9.88 -24.22
N ASP A 540 13.43 -10.69 -24.06
CA ASP A 540 13.10 -11.78 -24.93
C ASP A 540 14.32 -12.71 -25.11
N GLY A 541 15.03 -13.02 -24.01
CA GLY A 541 16.16 -13.96 -24.15
C GLY A 541 17.49 -13.35 -24.52
N PHE A 542 17.51 -12.12 -25.03
CA PHE A 542 18.71 -11.40 -25.42
C PHE A 542 19.35 -10.73 -24.23
N LYS A 543 20.59 -11.04 -23.90
CA LYS A 543 21.23 -10.40 -22.75
C LYS A 543 21.47 -8.94 -23.03
N CYS A 544 20.99 -8.01 -22.17
CA CYS A 544 21.18 -6.59 -22.45
C CYS A 544 22.55 -6.09 -22.09
N PRO A 545 23.00 -5.04 -22.79
CA PRO A 545 24.30 -4.48 -22.58
C PRO A 545 24.44 -3.54 -21.40
N GLY A 546 23.42 -2.84 -20.91
CA GLY A 546 23.78 -1.91 -19.83
C GLY A 546 23.93 -2.62 -18.48
N LEU A 547 24.48 -1.90 -17.53
CA LEU A 547 24.55 -2.34 -16.15
C LEU A 547 23.13 -2.38 -15.56
N VAL A 548 22.27 -1.39 -15.84
CA VAL A 548 20.91 -1.37 -15.31
C VAL A 548 19.83 -1.11 -16.35
N TYR A 549 18.58 -1.53 -16.14
CA TYR A 549 17.51 -1.36 -17.10
C TYR A 549 17.17 0.09 -17.36
N THR A 550 17.14 0.43 -18.69
CA THR A 550 16.85 1.83 -19.04
C THR A 550 15.83 1.84 -20.17
N GLY A 551 15.10 0.74 -20.39
CA GLY A 551 14.06 0.72 -21.41
C GLY A 551 14.39 -0.27 -22.52
N VAL A 552 13.38 -0.84 -23.17
CA VAL A 552 13.61 -1.86 -24.17
C VAL A 552 14.46 -1.38 -25.35
N GLU A 553 14.31 -0.13 -25.75
CA GLU A 553 15.03 0.47 -26.85
C GLU A 553 16.54 0.41 -26.65
N ASN A 554 17.02 0.43 -25.39
CA ASN A 554 18.43 0.36 -25.11
C ASN A 554 18.91 -1.07 -24.96
N CYS A 555 18.06 -2.08 -25.08
CA CYS A 555 18.51 -3.46 -24.93
C CYS A 555 18.68 -4.10 -26.31
N VAL A 556 19.77 -3.66 -26.94
CA VAL A 556 20.05 -4.12 -28.29
C VAL A 556 21.54 -4.19 -28.54
N THR B 2 23.17 14.19 -26.60
CA THR B 2 23.97 14.14 -25.43
C THR B 2 24.01 15.56 -24.88
N CYS B 3 24.65 15.60 -23.70
CA CYS B 3 24.81 16.85 -23.02
C CYS B 3 25.87 16.71 -21.93
N SER B 4 26.28 17.76 -21.28
CA SER B 4 27.22 17.68 -20.19
C SER B 4 26.75 18.59 -19.04
N THR B 5 26.97 19.89 -19.14
CA THR B 5 26.64 20.79 -18.06
C THR B 5 25.28 21.46 -18.17
N SER B 6 24.53 21.26 -19.24
CA SER B 6 23.25 21.95 -19.35
C SER B 6 22.26 21.17 -20.17
N ASP B 7 21.00 21.09 -19.69
CA ASP B 7 19.98 20.41 -20.49
C ASP B 7 18.65 21.13 -20.30
N ASP B 8 17.50 20.65 -20.69
CA ASP B 8 16.28 21.43 -20.52
C ASP B 8 15.66 21.33 -19.13
N ALA B 9 16.34 20.70 -18.16
CA ALA B 9 15.77 20.61 -16.83
C ALA B 9 16.11 21.89 -16.07
N ASP B 10 15.11 22.42 -15.36
CA ASP B 10 15.31 23.56 -14.47
C ASP B 10 15.80 22.92 -13.15
N ASP B 11 17.09 22.60 -13.13
CA ASP B 11 17.77 21.92 -12.04
C ASP B 11 19.13 22.56 -11.88
N PRO B 12 19.52 23.07 -10.72
CA PRO B 12 20.80 23.66 -10.45
C PRO B 12 21.99 22.71 -10.67
N THR B 13 21.79 21.42 -10.58
CA THR B 13 22.90 20.48 -10.77
C THR B 13 23.01 20.13 -12.25
N PRO B 14 24.20 20.25 -12.80
CA PRO B 14 24.46 19.84 -14.18
C PRO B 14 24.15 18.36 -14.33
N PRO B 15 23.63 17.96 -15.50
CA PRO B 15 23.31 16.60 -15.82
C PRO B 15 24.41 15.62 -15.43
N ASN B 16 25.66 16.00 -15.75
CA ASN B 16 26.81 15.16 -15.53
C ASN B 16 27.26 15.12 -14.08
N GLU B 17 26.61 15.87 -13.17
CA GLU B 17 26.89 15.72 -11.75
C GLU B 17 25.67 15.12 -11.03
N ARG B 18 24.51 14.90 -11.68
CA ARG B 18 23.33 14.39 -11.01
C ARG B 18 23.53 12.95 -10.55
N ASP B 19 24.26 12.16 -11.31
CA ASP B 19 24.59 10.79 -10.87
C ASP B 19 25.48 10.85 -9.64
N ASP B 20 26.49 11.72 -9.61
CA ASP B 20 27.41 11.89 -8.49
C ASP B 20 26.70 12.31 -7.21
N GLU B 21 25.85 13.34 -7.32
CA GLU B 21 25.10 13.85 -6.20
C GLU B 21 24.16 12.79 -5.62
N ALA B 22 23.58 11.92 -6.43
CA ALA B 22 22.72 10.88 -5.84
C ALA B 22 23.57 9.86 -5.09
N PHE B 23 24.75 9.53 -5.64
CA PHE B 23 25.62 8.56 -4.94
C PHE B 23 26.08 9.18 -3.65
N ALA B 24 26.48 10.44 -3.61
CA ALA B 24 26.97 11.07 -2.41
C ALA B 24 25.90 11.06 -1.31
N SER B 25 24.65 11.33 -1.64
CA SER B 25 23.59 11.45 -0.66
C SER B 25 23.30 10.07 -0.07
N ARG B 26 23.31 9.06 -0.91
CA ARG B 26 23.05 7.69 -0.50
C ARG B 26 24.17 7.12 0.38
N VAL B 27 25.41 7.47 0.08
CA VAL B 27 26.54 7.03 0.91
C VAL B 27 26.44 7.73 2.28
N ALA B 28 26.11 9.03 2.27
CA ALA B 28 26.00 9.74 3.54
C ALA B 28 24.87 9.16 4.40
N ALA B 29 23.77 8.74 3.78
CA ALA B 29 22.64 8.18 4.49
C ALA B 29 22.99 6.80 5.04
N ALA B 30 23.67 5.98 4.23
CA ALA B 30 24.10 4.67 4.67
C ALA B 30 25.13 4.84 5.80
N LYS B 31 25.98 5.84 5.70
CA LYS B 31 26.99 6.08 6.72
C LYS B 31 26.37 6.51 8.06
N ARG B 32 25.28 7.26 7.99
CA ARG B 32 24.56 7.67 9.19
C ARG B 32 23.96 6.45 9.87
N GLU B 33 23.45 5.50 9.11
CA GLU B 33 22.97 4.23 9.60
C GLU B 33 24.15 3.39 10.17
N LEU B 34 25.31 3.38 9.52
CA LEU B 34 26.48 2.66 10.03
C LEU B 34 26.87 3.17 11.42
N GLU B 35 27.11 4.46 11.51
CA GLU B 35 27.54 5.09 12.74
C GLU B 35 26.46 5.10 13.81
N GLY B 36 25.17 5.19 13.46
CA GLY B 36 24.13 5.18 14.48
C GLY B 36 23.87 3.75 14.95
N THR B 37 24.16 2.74 14.15
CA THR B 37 23.88 1.35 14.50
C THR B 37 24.95 0.78 15.41
N GLY B 38 26.20 0.78 14.97
CA GLY B 38 27.28 0.24 15.83
C GLY B 38 27.05 -1.26 16.01
N THR B 39 27.53 -1.76 17.17
CA THR B 39 27.39 -3.19 17.45
C THR B 39 26.05 -3.38 18.15
N VAL B 40 25.19 -4.25 17.67
CA VAL B 40 23.90 -4.47 18.28
C VAL B 40 23.89 -5.94 18.68
N CYS B 41 23.69 -6.18 19.99
CA CYS B 41 23.71 -7.57 20.46
C CYS B 41 22.37 -8.23 20.53
N GLN B 42 22.10 -9.31 19.81
CA GLN B 42 20.85 -10.02 19.86
C GLN B 42 20.87 -11.02 21.02
N ILE B 43 19.98 -10.79 22.01
CA ILE B 43 19.94 -11.64 23.19
C ILE B 43 18.65 -12.41 23.34
N ASN B 44 18.67 -13.74 23.41
CA ASN B 44 17.41 -14.45 23.65
C ASN B 44 17.37 -14.85 25.12
N ASN B 45 16.37 -15.62 25.56
CA ASN B 45 16.24 -15.92 26.99
C ASN B 45 17.20 -16.99 27.49
N GLY B 46 17.93 -17.63 26.59
CA GLY B 46 18.91 -18.64 26.87
C GLY B 46 18.38 -20.00 27.22
N GLU B 47 17.06 -20.25 27.26
CA GLU B 47 16.63 -21.59 27.67
C GLU B 47 16.97 -22.60 26.59
N THR B 48 17.25 -23.85 26.98
CA THR B 48 17.65 -24.84 25.99
C THR B 48 16.56 -25.85 25.72
N ASP B 49 15.55 -25.95 26.55
CA ASP B 49 14.49 -26.96 26.37
C ASP B 49 13.84 -26.85 25.00
N LEU B 50 13.73 -27.95 24.26
CA LEU B 50 13.16 -27.92 22.93
C LEU B 50 11.65 -27.71 22.91
N ALA B 51 10.96 -28.00 24.01
CA ALA B 51 9.55 -27.77 24.19
C ALA B 51 9.24 -26.26 24.09
N ALA B 52 10.17 -25.40 24.41
CA ALA B 52 10.02 -23.97 24.35
C ALA B 52 10.47 -23.34 23.01
N LYS B 53 10.69 -24.11 21.98
CA LYS B 53 11.16 -23.64 20.70
C LYS B 53 10.14 -24.00 19.63
N PHE B 54 10.14 -23.19 18.56
CA PHE B 54 9.29 -23.50 17.41
C PHE B 54 9.79 -24.70 16.62
N HIS B 55 8.94 -25.66 16.26
CA HIS B 55 9.30 -26.73 15.37
C HIS B 55 8.06 -27.32 14.72
N LYS B 56 7.06 -26.44 14.46
CA LYS B 56 5.84 -26.92 13.81
C LYS B 56 6.19 -27.41 12.38
N SER B 57 5.65 -28.49 11.94
CA SER B 57 5.79 -29.15 10.67
C SER B 57 6.94 -30.17 10.67
N LEU B 58 7.83 -30.13 11.65
CA LEU B 58 8.86 -31.19 11.67
C LEU B 58 8.26 -32.44 12.31
N PRO B 59 9.00 -33.55 12.22
CA PRO B 59 8.57 -34.81 12.78
C PRO B 59 8.55 -34.67 14.31
N HIS B 60 7.56 -35.22 14.95
CA HIS B 60 7.51 -35.23 16.40
C HIS B 60 7.22 -36.67 16.86
N ASP B 61 7.55 -37.00 18.11
CA ASP B 61 7.15 -38.33 18.61
C ASP B 61 5.68 -38.23 18.99
N ASP B 62 5.10 -39.26 19.61
CA ASP B 62 3.70 -39.20 19.98
C ASP B 62 3.37 -38.36 21.21
N LEU B 63 4.34 -37.74 21.84
CA LEU B 63 4.09 -36.79 22.90
C LEU B 63 4.31 -35.37 22.40
N GLY B 64 4.47 -35.23 21.07
CA GLY B 64 4.69 -33.90 20.48
C GLY B 64 6.07 -33.35 20.70
N GLN B 65 7.06 -34.19 21.02
CA GLN B 65 8.43 -33.75 21.24
C GLN B 65 9.16 -33.84 19.91
N VAL B 66 9.95 -32.81 19.63
CA VAL B 66 10.58 -32.73 18.30
C VAL B 66 11.70 -33.76 18.12
N ASP B 67 11.74 -34.32 16.92
CA ASP B 67 12.86 -35.23 16.60
C ASP B 67 14.12 -34.40 16.69
N ALA B 68 15.13 -34.82 17.46
CA ALA B 68 16.33 -34.04 17.63
C ALA B 68 17.13 -33.72 16.37
N ASP B 69 17.29 -34.69 15.46
CA ASP B 69 18.09 -34.40 14.26
C ASP B 69 17.33 -33.45 13.31
N ALA B 70 16.01 -33.60 13.25
CA ALA B 70 15.23 -32.67 12.41
C ALA B 70 15.43 -31.25 12.93
N PHE B 71 15.37 -31.07 14.26
CA PHE B 71 15.57 -29.72 14.79
C PHE B 71 16.94 -29.17 14.46
N ALA B 72 18.02 -29.95 14.51
CA ALA B 72 19.34 -29.44 14.11
C ALA B 72 19.31 -29.14 12.60
N ALA B 73 18.58 -29.90 11.80
CA ALA B 73 18.45 -29.55 10.37
C ALA B 73 17.75 -28.18 10.21
N LEU B 74 16.72 -27.92 11.05
CA LEU B 74 16.03 -26.61 11.01
C LEU B 74 16.94 -25.50 11.44
N GLU B 75 17.76 -25.70 12.48
CA GLU B 75 18.72 -24.65 12.86
C GLU B 75 19.72 -24.34 11.73
N ASP B 76 20.13 -25.35 11.00
CA ASP B 76 21.08 -25.14 9.89
C ASP B 76 20.38 -24.36 8.77
N CYS B 77 19.11 -24.66 8.55
CA CYS B 77 18.27 -23.94 7.58
C CYS B 77 18.14 -22.46 7.97
N ILE B 78 17.88 -22.20 9.25
CA ILE B 78 17.78 -20.84 9.75
C ILE B 78 19.07 -20.07 9.63
N LEU B 79 20.20 -20.69 9.98
CA LEU B 79 21.48 -20.03 9.94
C LEU B 79 22.03 -19.65 8.57
N ASN B 80 21.85 -20.46 7.56
CA ASN B 80 22.59 -20.29 6.30
C ASN B 80 22.01 -19.52 5.13
N GLY B 81 20.78 -19.02 5.19
CA GLY B 81 20.23 -18.22 4.10
C GLY B 81 20.30 -18.93 2.76
N ASP B 82 20.02 -20.21 2.74
CA ASP B 82 20.16 -21.09 1.62
C ASP B 82 18.90 -21.87 1.39
N LEU B 83 18.28 -21.71 0.22
CA LEU B 83 17.03 -22.39 -0.07
C LEU B 83 17.19 -23.90 0.00
N SER B 84 18.24 -24.39 -0.64
CA SER B 84 18.50 -25.83 -0.73
C SER B 84 18.62 -26.49 0.64
N ILE B 85 19.32 -25.86 1.55
CA ILE B 85 19.46 -26.42 2.92
C ILE B 85 18.13 -26.46 3.61
N CYS B 86 17.30 -25.43 3.42
CA CYS B 86 15.95 -25.41 3.99
C CYS B 86 15.07 -26.44 3.35
N GLU B 87 15.30 -26.88 2.10
CA GLU B 87 14.52 -27.95 1.53
C GLU B 87 14.90 -29.31 2.17
N ASP B 88 16.04 -29.41 2.84
CA ASP B 88 16.39 -30.66 3.51
C ASP B 88 15.74 -30.76 4.88
N VAL B 89 15.02 -29.75 5.39
CA VAL B 89 14.46 -29.95 6.75
C VAL B 89 13.38 -30.99 6.68
N PRO B 90 13.41 -32.03 7.52
CA PRO B 90 12.42 -33.08 7.49
C PRO B 90 11.01 -32.57 7.74
N VAL B 91 9.98 -33.25 7.27
CA VAL B 91 8.59 -32.88 7.45
C VAL B 91 7.94 -34.09 8.14
N GLY B 92 7.02 -33.81 9.07
CA GLY B 92 6.40 -34.84 9.88
C GLY B 92 5.21 -35.47 9.23
N ASN B 93 4.84 -35.00 8.03
CA ASN B 93 3.65 -35.52 7.36
C ASN B 93 3.89 -35.35 5.86
N SER B 94 3.57 -36.38 5.13
CA SER B 94 3.84 -36.46 3.71
C SER B 94 2.80 -36.03 2.72
N GLU B 95 1.65 -35.61 3.20
CA GLU B 95 0.55 -35.25 2.28
C GLU B 95 0.87 -34.08 1.40
N GLY B 96 1.91 -33.27 1.64
CA GLY B 96 2.21 -32.16 0.75
C GLY B 96 1.26 -30.97 0.89
N ASP B 97 0.55 -30.86 2.01
CA ASP B 97 -0.36 -29.73 2.17
C ASP B 97 0.48 -28.49 2.35
N PRO B 98 0.08 -27.39 1.68
CA PRO B 98 0.75 -26.11 1.87
C PRO B 98 0.80 -25.62 3.30
N VAL B 99 -0.11 -25.98 4.23
CA VAL B 99 0.05 -25.51 5.63
C VAL B 99 1.30 -26.03 6.33
N GLY B 100 1.87 -27.12 5.84
CA GLY B 100 3.11 -27.71 6.34
C GLY B 100 4.38 -27.03 5.87
N ARG B 101 4.34 -26.22 4.80
CA ARG B 101 5.60 -25.55 4.39
C ARG B 101 6.15 -24.59 5.43
N LEU B 102 7.48 -24.51 5.60
CA LEU B 102 8.14 -23.55 6.44
C LEU B 102 7.95 -22.17 5.80
N VAL B 103 7.54 -21.15 6.58
CA VAL B 103 7.27 -19.85 5.96
C VAL B 103 8.49 -18.98 5.83
N ASN B 104 9.12 -19.01 4.62
CA ASN B 104 10.25 -18.17 4.25
C ASN B 104 11.29 -17.98 5.32
N PRO B 105 11.96 -19.04 5.84
CA PRO B 105 12.99 -18.92 6.86
C PRO B 105 14.23 -18.15 6.49
N THR B 106 14.58 -18.05 5.20
CA THR B 106 15.75 -17.29 4.74
C THR B 106 15.45 -15.81 4.51
N ALA B 107 14.20 -15.37 4.73
CA ALA B 107 13.83 -13.98 4.42
C ALA B 107 14.64 -12.89 5.03
N ALA B 108 15.04 -13.04 6.30
CA ALA B 108 15.76 -12.01 7.00
C ALA B 108 17.07 -11.59 6.36
N PHE B 109 17.78 -12.55 5.75
CA PHE B 109 19.11 -12.24 5.18
C PHE B 109 19.06 -11.46 3.89
N ALA B 110 18.62 -10.22 3.98
CA ALA B 110 18.58 -9.33 2.80
C ALA B 110 18.79 -7.94 3.33
N ILE B 111 19.84 -7.27 2.92
CA ILE B 111 20.08 -5.91 3.34
C ILE B 111 19.28 -4.95 2.45
N ASP B 112 18.21 -4.38 3.01
CA ASP B 112 17.39 -3.43 2.23
C ASP B 112 18.17 -2.14 2.17
N ILE B 113 18.17 -1.49 0.98
CA ILE B 113 18.96 -0.24 0.94
C ILE B 113 18.35 0.82 1.80
N SER B 114 16.99 0.86 1.92
CA SER B 114 16.41 1.90 2.79
C SER B 114 16.12 1.36 4.20
N GLY B 115 15.95 2.26 5.17
CA GLY B 115 15.58 1.93 6.54
C GLY B 115 16.70 1.26 7.35
N PRO B 116 16.37 0.85 8.58
CA PRO B 116 17.32 0.13 9.44
C PRO B 116 17.54 -1.30 8.96
N ALA B 117 18.81 -1.76 8.90
CA ALA B 117 19.04 -3.12 8.42
C ALA B 117 18.35 -4.11 9.34
N PHE B 118 18.09 -5.32 8.94
CA PHE B 118 17.37 -6.37 9.62
C PHE B 118 17.94 -6.71 11.01
N SER B 119 19.22 -6.48 11.29
CA SER B 119 19.79 -6.87 12.58
C SER B 119 20.11 -5.66 13.41
N ALA B 120 19.72 -4.44 12.99
CA ALA B 120 20.01 -3.20 13.69
C ALA B 120 19.08 -2.89 14.87
N THR B 121 18.04 -3.70 15.00
CA THR B 121 17.12 -3.45 16.13
C THR B 121 16.98 -4.74 16.96
N THR B 122 16.52 -4.65 18.20
CA THR B 122 16.30 -5.84 19.06
C THR B 122 14.91 -5.77 19.72
N ILE B 123 14.42 -6.88 20.23
CA ILE B 123 13.21 -6.98 21.03
C ILE B 123 13.65 -7.81 22.27
N PRO B 124 13.02 -7.66 23.43
CA PRO B 124 13.46 -8.35 24.64
C PRO B 124 13.37 -9.85 24.57
N PRO B 125 14.17 -10.54 25.41
CA PRO B 125 14.09 -11.97 25.58
C PRO B 125 12.67 -12.39 25.94
N VAL B 126 12.15 -13.52 25.52
CA VAL B 126 10.86 -14.01 25.91
C VAL B 126 10.93 -14.59 27.34
N PRO B 127 9.90 -14.41 28.16
CA PRO B 127 9.80 -15.11 29.45
C PRO B 127 10.06 -16.61 29.23
N THR B 128 10.82 -17.25 30.15
CA THR B 128 11.12 -18.68 29.95
C THR B 128 9.91 -19.52 30.23
N LEU B 129 9.87 -20.76 29.80
CA LEU B 129 8.75 -21.66 30.02
C LEU B 129 8.35 -21.81 31.49
N PRO B 130 9.26 -21.91 32.44
CA PRO B 130 8.91 -22.06 33.84
C PRO B 130 8.55 -20.77 34.52
N SER B 131 8.65 -19.60 33.89
CA SER B 131 8.39 -18.34 34.59
C SER B 131 6.91 -18.07 34.84
N PRO B 132 6.66 -17.23 35.83
CA PRO B 132 5.29 -16.82 36.15
C PRO B 132 4.82 -15.85 35.06
N GLU B 133 5.70 -15.05 34.46
CA GLU B 133 5.26 -14.19 33.35
C GLU B 133 4.76 -15.04 32.22
N LEU B 134 5.50 -16.09 31.79
CA LEU B 134 5.04 -16.96 30.73
C LEU B 134 3.72 -17.60 31.08
N ALA B 135 3.60 -18.09 32.32
CA ALA B 135 2.38 -18.76 32.77
C ALA B 135 1.16 -17.82 32.59
N ALA B 136 1.27 -16.58 33.02
CA ALA B 136 0.17 -15.62 32.90
C ALA B 136 -0.02 -15.22 31.42
N GLN B 137 1.01 -15.18 30.59
CA GLN B 137 0.90 -14.89 29.16
C GLN B 137 0.02 -15.95 28.52
N LEU B 138 0.37 -17.21 28.73
CA LEU B 138 -0.38 -18.33 28.20
C LEU B 138 -1.79 -18.48 28.78
N ALA B 139 -1.97 -18.18 30.08
CA ALA B 139 -3.33 -18.24 30.66
C ALA B 139 -4.20 -17.22 29.94
N GLU B 140 -3.71 -16.00 29.69
CA GLU B 140 -4.49 -14.98 28.98
C GLU B 140 -4.96 -15.47 27.62
N VAL B 141 -4.08 -16.19 26.88
CA VAL B 141 -4.45 -16.76 25.60
C VAL B 141 -5.60 -17.73 25.81
N TYR B 142 -5.47 -18.67 26.76
CA TYR B 142 -6.56 -19.58 27.09
C TYR B 142 -7.84 -18.84 27.49
N TRP B 143 -7.76 -17.79 28.33
CA TRP B 143 -9.03 -17.11 28.71
C TRP B 143 -9.64 -16.45 27.47
N MET B 144 -8.81 -15.87 26.58
CA MET B 144 -9.32 -15.32 25.30
C MET B 144 -10.06 -16.41 24.56
N ALA B 145 -9.58 -17.65 24.54
CA ALA B 145 -10.32 -18.71 23.84
C ALA B 145 -11.65 -18.97 24.51
N LEU B 146 -11.65 -18.97 25.87
CA LEU B 146 -12.89 -19.24 26.61
C LEU B 146 -13.92 -18.10 26.49
N ALA B 147 -13.45 -16.87 26.33
CA ALA B 147 -14.28 -15.70 26.16
C ALA B 147 -14.65 -15.35 24.71
N ARG B 148 -14.28 -16.17 23.74
CA ARG B 148 -14.49 -15.90 22.33
C ARG B 148 -15.90 -15.46 21.93
N ASP B 149 -16.94 -16.06 22.45
CA ASP B 149 -18.32 -15.77 22.07
C ASP B 149 -19.06 -14.79 22.94
N VAL B 150 -18.42 -14.07 23.83
CA VAL B 150 -19.00 -13.08 24.70
C VAL B 150 -18.91 -11.70 24.05
N PRO B 151 -20.06 -11.06 23.83
CA PRO B 151 -20.09 -9.77 23.17
C PRO B 151 -19.33 -8.78 24.02
N PHE B 152 -18.50 -7.92 23.42
CA PHE B 152 -17.74 -6.99 24.23
C PHE B 152 -18.52 -6.18 25.25
N MET B 153 -19.77 -5.78 24.97
CA MET B 153 -20.53 -4.95 25.90
C MET B 153 -21.11 -5.81 27.05
N GLN B 154 -21.03 -7.11 26.99
CA GLN B 154 -21.44 -7.98 28.08
C GLN B 154 -20.24 -8.49 28.90
N TYR B 155 -19.07 -7.90 28.79
CA TYR B 155 -17.87 -8.32 29.51
C TYR B 155 -18.07 -8.16 31.03
N GLY B 156 -18.71 -7.09 31.44
CA GLY B 156 -18.97 -6.81 32.83
C GLY B 156 -20.01 -7.70 33.49
N THR B 157 -20.84 -8.40 32.75
CA THR B 157 -21.87 -9.25 33.29
C THR B 157 -21.64 -10.71 33.00
N ASP B 158 -20.94 -11.05 31.92
CA ASP B 158 -20.79 -12.45 31.57
C ASP B 158 -19.92 -13.16 32.62
N ASP B 159 -20.37 -14.29 33.15
CA ASP B 159 -19.53 -14.99 34.16
C ASP B 159 -18.16 -15.37 33.59
N ILE B 160 -18.08 -15.75 32.30
CA ILE B 160 -16.76 -16.08 31.72
C ILE B 160 -15.78 -14.93 31.84
N THR B 161 -16.14 -13.70 31.48
CA THR B 161 -15.20 -12.59 31.48
C THR B 161 -15.02 -11.96 32.85
N VAL B 162 -16.08 -11.94 33.66
CA VAL B 162 -15.94 -11.48 35.06
C VAL B 162 -14.90 -12.37 35.76
N THR B 163 -14.97 -13.67 35.61
CA THR B 163 -14.03 -14.60 36.26
C THR B 163 -12.66 -14.51 35.61
N ALA B 164 -12.58 -14.35 34.27
CA ALA B 164 -11.28 -14.23 33.61
C ALA B 164 -10.44 -13.12 34.21
N ALA B 165 -11.13 -11.96 34.34
CA ALA B 165 -10.47 -10.78 34.86
C ALA B 165 -9.92 -11.01 36.28
N ALA B 166 -10.74 -11.62 37.13
CA ALA B 166 -10.25 -11.83 38.52
C ALA B 166 -9.18 -12.92 38.53
N ASN B 167 -9.39 -13.98 37.75
CA ASN B 167 -8.43 -15.07 37.71
C ASN B 167 -7.06 -14.56 37.28
N LEU B 168 -7.00 -13.83 36.15
CA LEU B 168 -5.76 -13.25 35.68
C LEU B 168 -5.15 -12.27 36.63
N ALA B 169 -5.94 -11.37 37.26
CA ALA B 169 -5.36 -10.41 38.18
C ALA B 169 -4.71 -11.12 39.38
N GLY B 170 -5.22 -12.32 39.72
CA GLY B 170 -4.62 -12.99 40.89
C GLY B 170 -3.38 -13.81 40.53
N MET B 171 -3.06 -13.98 39.24
CA MET B 171 -1.85 -14.74 38.87
C MET B 171 -0.61 -13.93 39.15
N GLU B 172 0.36 -14.52 39.84
CA GLU B 172 1.60 -13.83 40.21
C GLU B 172 2.23 -13.00 39.12
N GLY B 173 2.47 -13.53 37.92
CA GLY B 173 3.17 -12.77 36.86
C GLY B 173 2.27 -11.83 36.08
N PHE B 174 0.95 -11.83 36.32
CA PHE B 174 0.06 -10.98 35.52
C PHE B 174 0.38 -9.51 35.50
N PRO B 175 0.67 -8.86 36.59
CA PRO B 175 1.03 -7.47 36.66
C PRO B 175 2.28 -7.08 35.92
N ASN B 176 3.12 -8.05 35.54
CA ASN B 176 4.33 -7.78 34.81
C ASN B 176 4.10 -8.02 33.32
N LEU B 177 2.90 -8.27 32.82
CA LEU B 177 2.73 -8.45 31.38
C LEU B 177 2.86 -7.12 30.65
N ASP B 178 3.21 -7.23 29.35
CA ASP B 178 3.54 -6.09 28.49
C ASP B 178 2.42 -5.06 28.40
N ALA B 179 2.58 -3.85 28.84
CA ALA B 179 1.58 -2.79 28.82
C ALA B 179 0.22 -3.29 29.31
N VAL B 180 0.25 -4.06 30.42
CA VAL B 180 -1.01 -4.72 30.86
C VAL B 180 -1.92 -3.63 31.43
N SER B 181 -3.19 -3.71 31.11
CA SER B 181 -4.17 -2.74 31.61
C SER B 181 -4.75 -3.27 32.92
N ILE B 182 -4.54 -2.50 33.99
CA ILE B 182 -4.98 -2.96 35.32
C ILE B 182 -5.18 -1.77 36.23
N GLY B 183 -6.09 -1.92 37.21
CA GLY B 183 -6.33 -0.78 38.10
C GLY B 183 -5.15 -0.59 39.02
N SER B 184 -5.05 0.58 39.64
CA SER B 184 -4.09 0.93 40.66
C SER B 184 -4.42 0.09 41.91
N ASP B 185 -5.63 -0.42 42.01
CA ASP B 185 -6.06 -1.27 43.10
C ASP B 185 -5.72 -2.72 42.80
N GLY B 186 -5.09 -3.02 41.66
CA GLY B 186 -4.70 -4.39 41.34
C GLY B 186 -5.77 -5.22 40.69
N THR B 187 -6.98 -4.73 40.45
CA THR B 187 -8.03 -5.50 39.83
C THR B 187 -8.07 -5.21 38.30
N VAL B 188 -8.70 -6.09 37.55
CA VAL B 188 -8.87 -5.85 36.12
C VAL B 188 -10.36 -5.58 35.87
N ASP B 189 -10.70 -4.40 35.32
CA ASP B 189 -12.13 -4.19 35.01
C ASP B 189 -12.41 -4.89 33.69
N PRO B 190 -13.35 -5.80 33.68
CA PRO B 190 -13.73 -6.54 32.49
C PRO B 190 -14.06 -5.69 31.28
N LEU B 191 -14.97 -4.72 31.42
CA LEU B 191 -15.37 -3.89 30.29
C LEU B 191 -14.25 -3.04 29.71
N SER B 192 -13.44 -2.39 30.54
CA SER B 192 -12.44 -1.47 29.99
C SER B 192 -11.01 -1.91 30.10
N GLN B 193 -10.73 -3.06 30.73
CA GLN B 193 -9.32 -3.46 30.90
C GLN B 193 -8.98 -4.85 30.43
N LEU B 194 -9.90 -5.80 30.51
CA LEU B 194 -9.69 -7.17 30.10
C LEU B 194 -9.29 -7.22 28.61
N PHE B 195 -8.16 -7.87 28.33
CA PHE B 195 -7.61 -7.96 27.00
C PHE B 195 -7.33 -6.60 26.37
N ARG B 196 -6.94 -5.56 27.14
CA ARG B 196 -6.55 -4.27 26.63
C ARG B 196 -5.08 -3.98 26.96
N ALA B 197 -4.58 -2.84 26.52
CA ALA B 197 -3.20 -2.44 26.75
C ALA B 197 -3.22 -0.95 27.09
N THR B 198 -2.13 -0.49 27.70
CA THR B 198 -2.01 0.87 28.11
C THR B 198 -1.52 1.83 27.01
N PHE B 199 -1.32 1.37 25.77
CA PHE B 199 -0.97 2.34 24.71
C PHE B 199 -2.05 3.44 24.64
N VAL B 200 -1.70 4.66 24.34
CA VAL B 200 -2.63 5.78 24.33
C VAL B 200 -3.93 5.46 23.60
N GLY B 201 -5.05 5.68 24.28
CA GLY B 201 -6.40 5.58 23.85
C GLY B 201 -7.04 4.24 23.83
N VAL B 202 -6.23 3.19 24.00
CA VAL B 202 -6.74 1.82 23.84
C VAL B 202 -7.80 1.43 24.86
N GLU B 203 -7.66 1.96 26.07
CA GLU B 203 -8.54 1.69 27.19
C GLU B 203 -9.76 2.65 27.24
N THR B 204 -9.80 3.65 26.39
CA THR B 204 -10.91 4.60 26.36
C THR B 204 -11.96 4.17 25.36
N GLY B 205 -13.24 4.21 25.76
CA GLY B 205 -14.30 3.85 24.84
C GLY B 205 -14.40 2.37 24.53
N PRO B 206 -15.16 2.07 23.47
CA PRO B 206 -15.41 0.71 23.07
C PRO B 206 -14.14 -0.04 22.74
N PHE B 207 -14.20 -1.37 22.86
CA PHE B 207 -13.05 -2.20 22.58
C PHE B 207 -12.52 -2.11 21.15
N ILE B 208 -13.44 -2.13 20.19
CA ILE B 208 -13.03 -2.12 18.78
C ILE B 208 -12.87 -0.71 18.24
N SER B 209 -11.74 -0.51 17.58
CA SER B 209 -11.51 0.77 16.92
C SER B 209 -12.69 1.26 16.05
N GLN B 210 -12.86 2.57 16.00
CA GLN B 210 -13.91 3.14 15.13
C GLN B 210 -13.58 2.84 13.66
N LEU B 211 -12.29 2.63 13.34
CA LEU B 211 -11.84 2.36 11.98
C LEU B 211 -12.24 1.00 11.44
N LEU B 212 -12.63 0.08 12.33
CA LEU B 212 -13.07 -1.24 11.93
C LEU B 212 -14.56 -1.42 11.85
N VAL B 213 -15.30 -0.47 12.47
CA VAL B 213 -16.77 -0.63 12.49
C VAL B 213 -17.57 0.40 11.68
N ASN B 214 -16.95 1.45 11.19
CA ASN B 214 -17.62 2.47 10.37
C ASN B 214 -17.37 2.20 8.88
N SER B 215 -18.29 2.67 8.05
CA SER B 215 -18.20 2.53 6.62
C SER B 215 -16.96 3.24 6.08
N PHE B 216 -16.43 2.69 4.98
CA PHE B 216 -15.31 3.30 4.29
C PHE B 216 -15.74 3.44 2.82
N THR B 217 -15.18 4.44 2.12
CA THR B 217 -15.52 4.57 0.70
C THR B 217 -14.29 4.30 -0.14
N ILE B 218 -14.42 3.43 -1.16
CA ILE B 218 -13.26 3.19 -2.00
C ILE B 218 -13.68 3.36 -3.47
N ASP B 219 -13.04 4.29 -4.17
CA ASP B 219 -13.44 4.54 -5.58
C ASP B 219 -14.94 4.78 -5.71
N SER B 220 -15.53 5.65 -4.88
CA SER B 220 -16.98 5.90 -4.89
C SER B 220 -17.84 4.71 -4.52
N ILE B 221 -17.23 3.68 -3.91
CA ILE B 221 -18.01 2.52 -3.50
C ILE B 221 -18.06 2.54 -1.97
N THR B 222 -19.22 2.74 -1.38
CA THR B 222 -19.33 2.81 0.10
C THR B 222 -19.59 1.44 0.69
N VAL B 223 -18.72 1.08 1.64
CA VAL B 223 -18.74 -0.28 2.18
C VAL B 223 -19.07 -0.34 3.68
N GLU B 224 -20.14 -1.05 4.05
CA GLU B 224 -20.46 -1.21 5.49
C GLU B 224 -19.76 -2.47 5.96
N PRO B 225 -18.96 -2.41 7.00
CA PRO B 225 -18.13 -3.54 7.41
C PRO B 225 -18.79 -4.65 8.20
N LYS B 226 -19.85 -5.22 7.65
CA LYS B 226 -20.48 -6.41 8.14
C LYS B 226 -19.73 -7.55 7.43
N GLN B 227 -19.05 -8.40 8.19
CA GLN B 227 -18.26 -9.47 7.62
C GLN B 227 -18.90 -10.84 7.70
N GLU B 228 -18.38 -11.76 6.92
CA GLU B 228 -18.73 -13.17 7.00
C GLU B 228 -17.84 -13.64 8.18
N THR B 229 -18.46 -14.11 9.27
CA THR B 229 -17.69 -14.44 10.48
C THR B 229 -17.79 -15.91 10.89
N PHE B 230 -17.02 -16.29 11.92
CA PHE B 230 -17.05 -17.70 12.35
C PHE B 230 -18.35 -17.98 13.10
N ALA B 231 -18.81 -19.21 13.10
CA ALA B 231 -19.99 -19.59 13.90
C ALA B 231 -19.53 -19.57 15.36
N PRO B 232 -20.44 -19.41 16.30
CA PRO B 232 -20.07 -19.45 17.71
C PRO B 232 -19.77 -20.83 18.21
N ASP B 233 -19.07 -20.95 19.33
CA ASP B 233 -18.90 -22.11 20.22
C ASP B 233 -17.90 -23.09 19.61
N VAL B 234 -17.84 -23.44 18.38
CA VAL B 234 -16.93 -24.46 17.88
C VAL B 234 -15.47 -24.03 17.94
N ASN B 235 -14.61 -24.91 18.45
CA ASN B 235 -13.18 -24.66 18.43
C ASN B 235 -12.53 -25.92 17.82
N TYR B 236 -11.25 -25.80 17.41
CA TYR B 236 -10.55 -26.87 16.72
C TYR B 236 -9.26 -27.24 17.42
N MET B 237 -8.58 -28.30 16.97
CA MET B 237 -7.37 -28.81 17.54
C MET B 237 -7.49 -29.09 19.07
N VAL B 238 -8.63 -29.61 19.51
CA VAL B 238 -8.79 -29.95 20.94
C VAL B 238 -8.86 -31.47 21.11
N ASP B 239 -8.87 -32.20 20.00
CA ASP B 239 -8.78 -33.67 20.00
C ASP B 239 -7.28 -33.91 19.86
N PHE B 240 -6.67 -34.77 20.67
CA PHE B 240 -5.22 -34.95 20.63
C PHE B 240 -4.64 -35.36 19.29
N ASP B 241 -5.22 -36.32 18.61
CA ASP B 241 -4.69 -36.76 17.31
C ASP B 241 -4.72 -35.62 16.30
N GLU B 242 -5.81 -34.84 16.31
CA GLU B 242 -5.87 -33.71 15.37
C GLU B 242 -4.81 -32.69 15.64
N TRP B 243 -4.62 -32.38 16.93
CA TRP B 243 -3.58 -31.46 17.35
C TRP B 243 -2.21 -31.95 16.89
N LEU B 244 -1.93 -33.25 17.06
CA LEU B 244 -0.63 -33.83 16.77
C LEU B 244 -0.37 -33.78 15.25
N ASN B 245 -1.41 -34.10 14.50
CA ASN B 245 -1.36 -34.05 13.04
C ASN B 245 -0.95 -32.66 12.58
N ILE B 246 -1.58 -31.62 13.12
CA ILE B 246 -1.23 -30.25 12.83
C ILE B 246 0.20 -29.95 13.24
N GLN B 247 0.65 -30.34 14.43
CA GLN B 247 2.07 -30.12 14.75
C GLN B 247 3.02 -30.84 13.80
N ASN B 248 2.69 -31.99 13.23
CA ASN B 248 3.63 -32.64 12.32
C ASN B 248 3.48 -32.13 10.91
N GLY B 249 2.75 -31.04 10.64
CA GLY B 249 2.61 -30.48 9.31
C GLY B 249 1.55 -31.11 8.43
N GLY B 250 0.62 -31.84 8.99
CA GLY B 250 -0.47 -32.45 8.27
C GLY B 250 -1.58 -31.41 7.97
N PRO B 251 -2.47 -31.80 7.08
CA PRO B 251 -3.53 -30.92 6.62
C PRO B 251 -4.56 -30.68 7.73
N PRO B 252 -5.25 -29.54 7.66
CA PRO B 252 -6.30 -29.22 8.60
C PRO B 252 -7.36 -30.30 8.52
N ALA B 253 -8.08 -30.50 9.62
CA ALA B 253 -9.12 -31.53 9.65
C ALA B 253 -10.31 -31.17 8.81
N GLY B 254 -10.58 -29.89 8.59
CA GLY B 254 -11.76 -29.47 7.82
C GLY B 254 -11.72 -27.95 7.69
N PRO B 255 -12.76 -27.36 7.14
CA PRO B 255 -12.86 -25.91 7.05
C PRO B 255 -13.48 -25.41 8.35
N GLU B 256 -13.48 -24.11 8.64
CA GLU B 256 -14.14 -23.65 9.87
C GLU B 256 -15.62 -23.43 9.56
N LEU B 257 -16.48 -23.73 10.52
CA LEU B 257 -17.91 -23.49 10.42
C LEU B 257 -18.13 -21.98 10.50
N LEU B 258 -18.92 -21.43 9.58
CA LEU B 258 -19.17 -20.00 9.47
C LEU B 258 -20.61 -19.64 9.80
N ASP B 259 -20.87 -18.45 10.29
CA ASP B 259 -22.23 -18.00 10.60
C ASP B 259 -22.94 -17.59 9.30
N ASP B 260 -24.21 -17.90 9.17
CA ASP B 260 -25.01 -17.52 8.05
C ASP B 260 -25.34 -16.03 8.03
N GLU B 261 -25.28 -15.28 9.11
CA GLU B 261 -25.59 -13.86 9.08
C GLU B 261 -24.31 -13.03 9.09
N LEU B 262 -24.27 -12.07 8.17
CA LEU B 262 -23.12 -11.16 8.13
C LEU B 262 -23.19 -10.25 9.33
N ARG B 263 -22.09 -9.91 9.98
CA ARG B 263 -22.15 -9.11 11.19
C ARG B 263 -20.96 -8.19 11.41
N PHE B 264 -21.18 -7.06 12.05
CA PHE B 264 -20.09 -6.19 12.49
C PHE B 264 -19.25 -6.98 13.52
N VAL B 265 -18.02 -6.57 13.79
CA VAL B 265 -17.18 -7.24 14.79
C VAL B 265 -17.72 -6.93 16.19
N ARG B 266 -18.17 -7.96 16.92
CA ARG B 266 -18.74 -7.64 18.24
C ARG B 266 -18.26 -8.58 19.34
N ASN B 267 -17.34 -9.51 19.08
CA ASN B 267 -16.75 -10.37 20.11
C ASN B 267 -15.33 -10.74 19.70
N ALA B 268 -14.60 -11.42 20.58
CA ALA B 268 -13.24 -11.83 20.33
C ALA B 268 -13.16 -12.81 19.14
N ARG B 269 -14.16 -13.67 18.98
CA ARG B 269 -14.10 -14.57 17.85
C ARG B 269 -14.16 -13.78 16.52
N ASP B 270 -14.97 -12.72 16.50
CA ASP B 270 -15.13 -11.90 15.31
C ASP B 270 -13.87 -11.11 15.01
N LEU B 271 -13.19 -10.62 16.05
CA LEU B 271 -11.98 -9.86 15.88
C LEU B 271 -10.88 -10.82 15.38
N ALA B 272 -10.91 -12.06 15.85
CA ALA B 272 -9.97 -13.07 15.41
C ALA B 272 -10.14 -13.34 13.90
N ARG B 273 -11.42 -13.46 13.51
CA ARG B 273 -11.81 -13.68 12.11
C ARG B 273 -11.27 -12.62 11.17
N VAL B 274 -11.27 -11.36 11.55
CA VAL B 274 -10.68 -10.26 10.79
C VAL B 274 -9.22 -10.60 10.48
N THR B 275 -8.52 -10.97 11.56
CA THR B 275 -7.10 -11.24 11.46
C THR B 275 -6.81 -12.53 10.73
N PHE B 276 -7.77 -13.43 10.57
CA PHE B 276 -7.54 -14.65 9.82
C PHE B 276 -7.70 -14.37 8.31
N THR B 277 -8.46 -13.33 7.98
CA THR B 277 -8.79 -13.06 6.57
C THR B 277 -8.32 -11.73 6.04
N ASP B 278 -7.42 -11.05 6.74
CA ASP B 278 -6.87 -9.79 6.30
C ASP B 278 -5.70 -10.07 5.34
N ASN B 279 -5.10 -9.02 4.81
CA ASN B 279 -3.97 -9.20 3.87
C ASN B 279 -3.03 -8.06 4.05
N ILE B 280 -2.09 -8.25 4.98
CA ILE B 280 -1.03 -7.33 5.29
C ILE B 280 -1.48 -6.01 5.88
N ASN B 281 -2.10 -5.15 5.04
CA ASN B 281 -2.52 -3.85 5.52
C ASN B 281 -3.99 -3.55 5.21
N THR B 282 -4.85 -4.50 4.99
CA THR B 282 -6.23 -4.18 4.67
C THR B 282 -6.94 -3.40 5.79
N GLU B 283 -6.65 -3.72 7.08
CA GLU B 283 -7.31 -3.01 8.16
C GLU B 283 -6.82 -1.58 8.23
N ALA B 284 -5.51 -1.32 8.12
CA ALA B 284 -5.08 0.08 8.14
C ALA B 284 -5.47 0.86 6.89
N TYR B 285 -5.64 0.16 5.76
CA TYR B 285 -5.98 0.83 4.48
C TYR B 285 -7.41 1.32 4.65
N ARG B 286 -8.29 0.45 5.14
CA ARG B 286 -9.63 0.88 5.49
C ARG B 286 -9.56 2.08 6.44
N GLY B 287 -8.76 2.04 7.53
CA GLY B 287 -8.68 3.17 8.45
C GLY B 287 -8.14 4.39 7.74
N ALA B 288 -7.10 4.22 6.90
CA ALA B 288 -6.55 5.35 6.15
C ALA B 288 -7.64 6.06 5.30
N LEU B 289 -8.51 5.30 4.64
CA LEU B 289 -9.51 5.94 3.81
C LEU B 289 -10.55 6.69 4.70
N ILE B 290 -10.91 6.06 5.84
CA ILE B 290 -11.83 6.68 6.80
C ILE B 290 -11.25 7.98 7.31
N LEU B 291 -9.97 7.97 7.73
CA LEU B 291 -9.33 9.17 8.25
C LEU B 291 -9.24 10.31 7.22
N LEU B 292 -8.98 9.94 5.98
CA LEU B 292 -8.85 10.90 4.88
C LEU B 292 -10.24 11.55 4.69
N GLY B 293 -11.30 10.76 4.63
CA GLY B 293 -12.65 11.26 4.48
C GLY B 293 -13.09 12.16 5.63
N LEU B 294 -12.55 12.00 6.84
CA LEU B 294 -12.87 12.84 7.98
C LEU B 294 -11.97 14.04 8.05
N ASP B 295 -10.99 14.13 7.15
CA ASP B 295 -10.08 15.27 7.08
C ASP B 295 -9.14 15.30 8.26
N ALA B 296 -8.80 14.13 8.80
CA ALA B 296 -7.75 14.01 9.80
C ALA B 296 -6.41 14.10 9.03
N PHE B 297 -6.41 13.58 7.80
CA PHE B 297 -5.35 13.80 6.80
C PHE B 297 -6.05 14.58 5.68
N ASN B 298 -5.58 15.63 5.10
CA ASN B 298 -6.27 16.44 4.09
C ASN B 298 -5.97 15.96 2.68
N ARG B 299 -6.98 15.50 1.97
CA ARG B 299 -6.84 14.99 0.61
C ARG B 299 -6.30 16.05 -0.33
N ALA B 300 -6.61 17.35 -0.17
CA ALA B 300 -6.07 18.40 -1.03
C ALA B 300 -4.60 18.71 -0.79
N GLY B 301 -3.92 18.15 0.22
CA GLY B 301 -2.51 18.34 0.44
C GLY B 301 -2.15 19.41 1.47
N VAL B 302 -3.13 19.91 2.23
CA VAL B 302 -2.80 20.92 3.23
C VAL B 302 -2.44 20.22 4.54
N ASN B 303 -1.21 19.73 4.59
CA ASN B 303 -0.65 18.90 5.63
C ASN B 303 0.81 19.26 5.83
N GLY B 304 1.40 18.80 6.95
CA GLY B 304 2.83 19.06 7.19
C GLY B 304 3.14 20.53 7.11
N PRO B 305 4.20 20.94 6.38
CA PRO B 305 4.59 22.31 6.25
C PRO B 305 3.65 23.22 5.47
N PHE B 306 2.68 22.63 4.77
CA PHE B 306 1.71 23.41 4.01
C PHE B 306 0.57 23.99 4.82
N ILE B 307 0.34 23.45 6.02
CA ILE B 307 -0.69 23.96 6.92
C ILE B 307 -0.47 25.41 7.24
N ASP B 308 0.73 25.89 7.45
CA ASP B 308 1.04 27.24 7.80
C ASP B 308 1.31 28.17 6.62
N ILE B 309 1.19 27.75 5.36
CA ILE B 309 1.48 28.68 4.25
C ILE B 309 0.27 28.67 3.30
N ASP B 310 0.21 29.57 2.30
CA ASP B 310 -1.00 29.63 1.47
C ASP B 310 -0.89 29.19 0.02
N ARG B 311 0.30 29.35 -0.59
CA ARG B 311 0.40 29.09 -2.02
C ARG B 311 0.49 27.65 -2.46
N GLN B 312 1.03 26.74 -1.69
CA GLN B 312 1.28 25.38 -2.08
C GLN B 312 0.57 24.33 -1.22
N ALA B 313 0.34 23.18 -1.77
CA ALA B 313 -0.20 22.00 -1.17
C ALA B 313 0.83 20.88 -1.33
N GLY B 314 0.77 19.87 -0.47
CA GLY B 314 1.67 18.75 -0.56
C GLY B 314 1.13 17.68 -1.48
N PHE B 315 1.90 16.71 -1.91
CA PHE B 315 1.40 15.57 -2.65
C PHE B 315 2.41 14.43 -2.50
N VAL B 316 3.53 14.51 -3.20
CA VAL B 316 4.54 13.45 -3.12
C VAL B 316 5.08 13.44 -1.68
N ASN B 317 5.28 14.65 -1.20
CA ASN B 317 5.66 14.94 0.17
C ASN B 317 4.44 15.62 0.84
N PHE B 318 4.01 15.01 1.91
CA PHE B 318 2.97 15.60 2.78
C PHE B 318 1.59 15.70 2.16
N GLY B 319 1.26 14.74 1.30
CA GLY B 319 -0.02 14.65 0.61
C GLY B 319 -0.37 13.19 0.41
N ILE B 320 -1.45 12.84 -0.28
CA ILE B 320 -1.89 11.46 -0.39
C ILE B 320 -0.92 10.45 -0.98
N SER B 321 -0.05 10.85 -1.88
CA SER B 321 0.95 9.94 -2.48
C SER B 321 1.89 9.48 -1.34
N HIS B 322 2.41 10.42 -0.55
CA HIS B 322 3.23 10.12 0.62
C HIS B 322 2.56 9.12 1.56
N TYR B 323 1.33 9.47 1.91
CA TYR B 323 0.46 8.67 2.78
C TYR B 323 0.21 7.28 2.26
N PHE B 324 -0.37 7.06 1.05
CA PHE B 324 -0.57 5.71 0.58
C PHE B 324 0.75 4.95 0.25
N ARG B 325 1.78 5.69 -0.14
CA ARG B 325 3.06 5.05 -0.44
C ARG B 325 3.60 4.32 0.81
N LEU B 326 3.64 5.03 1.93
CA LEU B 326 4.16 4.52 3.20
C LEU B 326 3.29 3.51 3.87
N ILE B 327 1.96 3.54 3.62
CA ILE B 327 1.04 2.53 4.14
C ILE B 327 1.43 1.17 3.59
N GLY B 328 2.02 1.14 2.37
CA GLY B 328 2.49 -0.17 1.86
C GLY B 328 3.99 -0.34 2.18
N ALA B 329 4.79 0.70 1.93
CA ALA B 329 6.24 0.60 2.07
C ALA B 329 6.75 0.22 3.47
N ALA B 330 6.01 0.69 4.49
CA ALA B 330 6.34 0.42 5.87
C ALA B 330 6.18 -1.05 6.25
N GLU B 331 5.69 -1.93 5.40
CA GLU B 331 5.62 -3.37 5.56
C GLU B 331 7.06 -3.95 5.57
N LEU B 332 8.03 -3.14 5.13
CA LEU B 332 9.43 -3.51 5.10
C LEU B 332 9.94 -3.93 6.48
N ALA B 333 9.34 -3.40 7.56
CA ALA B 333 9.59 -3.85 8.92
C ALA B 333 9.45 -5.34 9.10
N GLN B 334 8.73 -6.07 8.26
CA GLN B 334 8.54 -7.49 8.30
C GLN B 334 9.87 -8.26 8.10
N ARG B 335 10.88 -7.67 7.50
CA ARG B 335 12.15 -8.39 7.34
C ARG B 335 12.78 -8.51 8.74
N SER B 336 12.68 -7.47 9.56
CA SER B 336 13.27 -7.48 10.89
C SER B 336 12.50 -8.44 11.78
N SER B 337 11.15 -8.39 11.67
CA SER B 337 10.31 -9.33 12.40
C SER B 337 10.74 -10.76 12.07
N TRP B 338 11.00 -11.09 10.78
CA TRP B 338 11.40 -12.41 10.38
C TRP B 338 12.74 -12.78 11.03
N TYR B 339 13.67 -11.86 11.14
CA TYR B 339 14.98 -12.13 11.74
C TYR B 339 14.73 -12.48 13.23
N GLN B 340 13.95 -11.64 13.91
CA GLN B 340 13.67 -11.91 15.31
C GLN B 340 12.97 -13.24 15.54
N LYS B 341 12.03 -13.62 14.69
CA LYS B 341 11.31 -14.86 14.80
C LYS B 341 12.24 -16.08 14.66
N TRP B 342 12.96 -16.17 13.54
CA TRP B 342 13.71 -17.34 13.19
C TRP B 342 15.15 -17.33 13.68
N GLN B 343 15.88 -16.29 13.36
CA GLN B 343 17.28 -16.24 13.69
C GLN B 343 17.53 -15.92 15.16
N VAL B 344 16.64 -15.19 15.85
CA VAL B 344 16.97 -14.80 17.24
C VAL B 344 16.26 -15.58 18.35
N HIS B 345 14.91 -15.50 18.42
CA HIS B 345 14.22 -16.11 19.57
C HIS B 345 13.62 -17.47 19.33
N ARG B 346 13.10 -17.72 18.12
CA ARG B 346 12.59 -19.02 17.78
C ARG B 346 11.65 -19.55 18.84
N PHE B 347 10.68 -18.81 19.33
CA PHE B 347 9.81 -19.28 20.41
C PHE B 347 8.63 -20.07 19.95
N ALA B 348 8.26 -21.07 20.77
CA ALA B 348 7.15 -21.96 20.52
C ALA B 348 5.80 -21.22 20.56
N ARG B 349 4.88 -21.68 19.73
CA ARG B 349 3.56 -21.07 19.67
C ARG B 349 2.72 -21.57 20.86
N PRO B 350 1.66 -20.83 21.16
CA PRO B 350 0.78 -21.15 22.26
C PRO B 350 0.19 -22.54 22.14
N GLU B 351 -0.19 -23.00 20.94
CA GLU B 351 -0.72 -24.33 20.76
C GLU B 351 0.34 -25.38 21.12
N ALA B 352 1.62 -25.06 20.93
CA ALA B 352 2.69 -26.03 21.22
C ALA B 352 2.90 -26.13 22.75
N LEU B 353 2.93 -25.00 23.44
CA LEU B 353 3.01 -25.02 24.90
C LEU B 353 1.74 -25.60 25.51
N GLY B 354 0.61 -25.46 24.81
CA GLY B 354 -0.65 -26.06 25.20
C GLY B 354 -0.54 -27.59 25.17
N GLY B 355 0.12 -28.18 24.20
CA GLY B 355 0.26 -29.64 24.11
C GLY B 355 1.17 -30.12 25.26
N THR B 356 2.23 -29.37 25.56
CA THR B 356 3.10 -29.67 26.69
C THR B 356 2.35 -29.55 28.02
N LEU B 357 1.51 -28.52 28.17
CA LEU B 357 0.70 -28.33 29.35
C LEU B 357 -0.22 -29.53 29.51
N HIS B 358 -0.96 -29.85 28.43
CA HIS B 358 -1.94 -30.92 28.45
C HIS B 358 -1.30 -32.23 28.94
N LEU B 359 -0.16 -32.53 28.32
CA LEU B 359 0.53 -33.79 28.64
C LEU B 359 1.12 -33.80 30.04
N THR B 360 1.52 -32.66 30.56
CA THR B 360 2.03 -32.51 31.92
C THR B 360 0.90 -32.71 32.94
N ILE B 361 -0.26 -32.11 32.69
CA ILE B 361 -1.41 -32.29 33.58
C ILE B 361 -1.80 -33.75 33.57
N LYS B 362 -1.71 -34.45 32.43
CA LYS B 362 -2.09 -35.84 32.41
C LYS B 362 -1.01 -36.79 32.97
N GLY B 363 0.12 -36.30 33.40
CA GLY B 363 1.24 -37.05 33.90
C GLY B 363 2.06 -37.73 32.83
N GLU B 364 1.86 -37.43 31.54
CA GLU B 364 2.65 -38.07 30.49
C GLU B 364 3.92 -37.27 30.22
N LEU B 365 3.99 -36.03 30.66
CA LEU B 365 5.19 -35.23 30.53
C LEU B 365 5.35 -34.55 31.91
N ASN B 366 6.43 -33.87 32.12
CA ASN B 366 6.68 -33.24 33.40
C ASN B 366 7.27 -31.85 33.30
N ALA B 367 6.66 -31.01 32.45
CA ALA B 367 7.23 -29.68 32.23
C ALA B 367 7.09 -28.81 33.48
N ASP B 368 8.14 -28.03 33.72
CA ASP B 368 8.18 -27.14 34.88
C ASP B 368 7.39 -25.84 34.75
N PHE B 369 6.13 -25.87 34.27
CA PHE B 369 5.34 -24.63 34.23
C PHE B 369 5.15 -24.07 35.62
N ASP B 370 5.21 -22.78 35.82
CA ASP B 370 4.98 -22.21 37.15
C ASP B 370 3.62 -22.68 37.67
N LEU B 371 3.49 -22.84 38.98
CA LEU B 371 2.25 -23.32 39.59
C LEU B 371 1.08 -22.36 39.42
N SER B 372 1.23 -21.07 39.19
CA SER B 372 0.11 -20.17 38.92
C SER B 372 -0.74 -20.66 37.75
N LEU B 373 -0.13 -21.37 36.79
CA LEU B 373 -0.82 -21.94 35.65
C LEU B 373 -1.16 -23.39 35.86
N LEU B 374 -0.15 -24.21 36.24
CA LEU B 374 -0.34 -25.65 36.42
C LEU B 374 -1.39 -25.95 37.51
N GLU B 375 -1.47 -25.08 38.52
CA GLU B 375 -2.48 -25.25 39.56
C GLU B 375 -3.57 -24.21 39.54
N ASN B 376 -3.91 -23.66 38.37
CA ASN B 376 -5.01 -22.70 38.20
C ASN B 376 -6.31 -23.48 38.03
N ALA B 377 -7.00 -23.73 39.14
CA ALA B 377 -8.18 -24.57 39.16
C ALA B 377 -9.34 -24.05 38.29
N GLU B 378 -9.55 -22.77 38.34
CA GLU B 378 -10.62 -22.09 37.61
C GLU B 378 -10.41 -22.26 36.10
N LEU B 379 -9.19 -22.04 35.62
CA LEU B 379 -8.89 -22.22 34.21
C LEU B 379 -8.95 -23.67 33.79
N LEU B 380 -8.32 -24.56 34.56
CA LEU B 380 -8.33 -25.97 34.16
C LEU B 380 -9.69 -26.59 34.11
N LYS B 381 -10.61 -26.39 35.04
CA LYS B 381 -11.91 -27.01 34.96
C LYS B 381 -12.68 -26.53 33.72
N ARG B 382 -12.57 -25.26 33.40
CA ARG B 382 -13.30 -24.70 32.25
C ARG B 382 -12.75 -25.21 30.90
N VAL B 383 -11.44 -25.37 30.80
CA VAL B 383 -10.81 -25.87 29.56
C VAL B 383 -11.22 -27.30 29.35
N ALA B 384 -11.12 -28.13 30.42
CA ALA B 384 -11.56 -29.51 30.33
C ALA B 384 -12.99 -29.63 29.85
N ALA B 385 -13.90 -28.82 30.42
CA ALA B 385 -15.30 -28.97 30.06
C ALA B 385 -15.61 -28.50 28.63
N ILE B 386 -15.05 -27.36 28.22
CA ILE B 386 -15.35 -26.88 26.87
C ILE B 386 -14.79 -27.92 25.87
N ASN B 387 -13.62 -28.50 26.10
CA ASN B 387 -13.06 -29.49 25.20
C ASN B 387 -13.77 -30.82 25.17
N ALA B 388 -14.32 -31.24 26.31
CA ALA B 388 -15.10 -32.47 26.39
C ALA B 388 -16.41 -32.25 25.65
N ALA B 389 -16.97 -31.03 25.73
CA ALA B 389 -18.21 -30.83 24.95
C ALA B 389 -17.89 -30.84 23.44
N GLN B 390 -16.73 -30.36 23.01
CA GLN B 390 -16.37 -30.33 21.60
C GLN B 390 -15.97 -31.71 21.06
N ASN B 391 -15.18 -32.48 21.81
CA ASN B 391 -14.69 -33.76 21.34
C ASN B 391 -15.80 -34.77 21.13
N PRO B 392 -15.67 -35.55 20.06
CA PRO B 392 -16.60 -36.59 19.65
C PRO B 392 -17.10 -37.52 20.75
N ASN B 393 -16.18 -38.16 21.47
CA ASN B 393 -16.59 -39.06 22.54
C ASN B 393 -16.48 -38.42 23.90
N ASN B 394 -16.55 -37.09 23.97
CA ASN B 394 -16.44 -36.33 25.19
C ASN B 394 -15.10 -36.52 25.90
N GLU B 395 -14.03 -36.94 25.25
CA GLU B 395 -12.76 -37.09 25.93
C GLU B 395 -12.26 -35.72 26.37
N VAL B 396 -11.78 -35.63 27.60
CA VAL B 396 -11.21 -34.38 28.11
C VAL B 396 -9.78 -34.14 27.63
N THR B 397 -9.43 -32.92 27.23
CA THR B 397 -8.06 -32.57 26.89
C THR B 397 -7.87 -31.16 27.44
N TYR B 398 -6.62 -30.74 27.63
CA TYR B 398 -6.32 -29.43 28.12
C TYR B 398 -5.68 -28.56 27.02
N LEU B 399 -5.76 -29.05 25.78
CA LEU B 399 -5.19 -28.30 24.66
C LEU B 399 -5.81 -26.93 24.51
N LEU B 400 -5.08 -25.95 24.06
CA LEU B 400 -5.64 -24.59 23.86
C LEU B 400 -6.54 -24.57 22.63
N PRO B 401 -7.83 -24.36 22.79
CA PRO B 401 -8.78 -24.39 21.69
C PRO B 401 -8.43 -23.29 20.68
N GLN B 402 -8.34 -23.72 19.42
CA GLN B 402 -8.00 -22.80 18.35
C GLN B 402 -9.27 -22.36 17.65
N ALA B 403 -9.30 -21.13 17.15
CA ALA B 403 -10.46 -20.67 16.38
C ALA B 403 -10.37 -21.08 14.93
N ILE B 404 -9.27 -21.70 14.50
CA ILE B 404 -9.09 -22.14 13.12
C ILE B 404 -8.50 -23.53 13.10
N GLN B 405 -8.93 -24.38 12.21
CA GLN B 405 -8.50 -25.75 12.06
C GLN B 405 -6.99 -25.96 11.83
N GLU B 406 -6.31 -25.05 11.15
CA GLU B 406 -4.89 -25.23 10.85
C GLU B 406 -3.98 -24.71 11.96
N GLY B 407 -4.55 -24.00 12.95
CA GLY B 407 -3.73 -23.43 14.00
C GLY B 407 -2.80 -22.36 13.48
N SER B 408 -1.64 -22.12 14.11
CA SER B 408 -0.77 -21.06 13.68
C SER B 408 -0.12 -21.23 12.32
N PRO B 409 0.30 -20.11 11.70
CA PRO B 409 1.15 -20.19 10.52
C PRO B 409 2.38 -21.02 10.91
N THR B 410 3.16 -21.48 9.93
CA THR B 410 4.35 -22.28 10.18
C THR B 410 5.58 -21.40 10.29
N HIS B 411 5.67 -20.60 11.35
CA HIS B 411 6.82 -19.75 11.63
C HIS B 411 6.77 -19.38 13.13
N PRO B 412 7.88 -19.14 13.80
CA PRO B 412 7.94 -18.94 15.23
C PRO B 412 6.99 -17.89 15.76
N SER B 413 6.73 -17.96 17.08
CA SER B 413 5.77 -17.03 17.67
C SER B 413 6.14 -15.60 17.81
N TYR B 414 7.38 -15.28 18.22
CA TYR B 414 7.81 -13.96 18.61
C TYR B 414 8.77 -13.25 17.72
N PRO B 415 8.44 -12.02 17.30
CA PRO B 415 7.17 -11.36 17.58
C PRO B 415 6.08 -11.69 16.58
N SER B 416 4.90 -11.08 16.72
CA SER B 416 3.78 -11.29 15.81
C SER B 416 4.10 -10.43 14.58
N GLY B 417 3.96 -10.99 13.40
CA GLY B 417 4.22 -10.22 12.17
C GLY B 417 3.01 -9.29 11.98
N HIS B 418 1.83 -9.77 12.34
CA HIS B 418 0.65 -8.88 12.28
C HIS B 418 0.87 -7.68 13.17
N ALA B 419 1.35 -7.85 14.40
CA ALA B 419 1.61 -6.71 15.27
C ALA B 419 2.73 -5.82 14.74
N THR B 420 3.82 -6.43 14.24
CA THR B 420 4.90 -5.53 13.77
C THR B 420 4.42 -4.64 12.63
N GLN B 421 3.67 -5.19 11.66
CA GLN B 421 3.24 -4.34 10.53
C GLN B 421 2.24 -3.27 10.91
N ASN B 422 1.30 -3.63 11.82
CA ASN B 422 0.28 -2.68 12.28
C ASN B 422 0.91 -1.68 13.17
N GLY B 423 2.07 -1.95 13.85
CA GLY B 423 2.74 -0.89 14.63
C GLY B 423 3.33 0.11 13.60
N ALA B 424 3.96 -0.42 12.54
CA ALA B 424 4.47 0.47 11.50
C ALA B 424 3.31 1.29 10.86
N PHE B 425 2.22 0.67 10.44
CA PHE B 425 1.20 1.49 9.75
C PHE B 425 0.56 2.55 10.62
N ALA B 426 0.40 2.23 11.92
CA ALA B 426 -0.18 3.16 12.91
C ALA B 426 0.73 4.35 13.03
N THR B 427 2.02 4.02 12.93
CA THR B 427 3.08 5.04 13.05
C THR B 427 3.09 5.96 11.85
N VAL B 428 2.90 5.42 10.64
CA VAL B 428 2.77 6.22 9.44
C VAL B 428 1.52 7.12 9.54
N LEU B 429 0.40 6.53 9.96
CA LEU B 429 -0.83 7.39 9.97
C LEU B 429 -0.66 8.53 10.93
N LYS B 430 -0.19 8.31 12.17
CA LYS B 430 0.06 9.39 13.11
C LYS B 430 1.03 10.45 12.69
N ALA B 431 2.16 10.05 12.06
CA ALA B 431 3.17 11.00 11.62
C ALA B 431 2.63 11.95 10.55
N LEU B 432 1.92 11.39 9.59
CA LEU B 432 1.37 12.22 8.48
C LEU B 432 0.23 13.07 9.01
N ILE B 433 -0.64 12.51 9.86
CA ILE B 433 -1.73 13.33 10.43
C ILE B 433 -1.18 14.43 11.30
N GLY B 434 -0.12 14.18 12.07
CA GLY B 434 0.50 15.21 12.89
C GLY B 434 -0.11 15.27 14.30
N LEU B 435 0.65 15.74 15.27
CA LEU B 435 0.18 15.80 16.66
C LEU B 435 -1.14 16.53 16.88
N ASP B 436 -1.24 17.77 16.36
CA ASP B 436 -2.47 18.55 16.56
C ASP B 436 -3.72 17.83 16.10
N ARG B 437 -3.81 17.31 14.87
CA ARG B 437 -5.02 16.65 14.41
C ARG B 437 -5.19 15.28 15.06
N GLY B 438 -4.06 14.71 15.52
CA GLY B 438 -4.09 13.41 16.20
C GLY B 438 -4.94 13.53 17.49
N GLY B 439 -4.98 14.71 18.09
CA GLY B 439 -5.76 15.00 19.28
C GLY B 439 -7.23 15.32 19.07
N ASP B 440 -7.70 15.49 17.83
CA ASP B 440 -9.10 15.76 17.55
C ASP B 440 -9.93 14.51 17.85
N CYS B 441 -11.19 14.73 18.30
CA CYS B 441 -12.06 13.62 18.66
C CYS B 441 -12.77 12.99 17.48
N TYR B 442 -12.89 11.67 17.44
CA TYR B 442 -13.61 11.02 16.35
C TYR B 442 -15.00 11.69 16.33
N PRO B 443 -15.50 12.01 15.14
CA PRO B 443 -16.74 12.76 15.06
C PRO B 443 -17.98 12.01 15.40
N ASP B 444 -18.19 10.81 14.88
CA ASP B 444 -19.40 10.04 15.12
C ASP B 444 -19.14 8.61 15.52
N PRO B 445 -18.62 8.43 16.76
CA PRO B 445 -18.24 7.11 17.22
C PRO B 445 -19.43 6.23 17.52
N VAL B 446 -19.25 4.94 17.28
CA VAL B 446 -20.26 3.95 17.52
C VAL B 446 -19.70 2.69 18.17
N PRO B 448 -21.00 -1.59 17.77
CA PRO B 448 -21.95 -2.56 17.29
C PRO B 448 -22.77 -3.11 18.46
N ASP B 449 -24.07 -3.38 18.21
CA ASP B 449 -24.90 -4.00 19.24
C ASP B 449 -24.38 -5.42 19.47
N ASP B 450 -24.95 -6.13 20.45
CA ASP B 450 -24.44 -7.47 20.77
C ASP B 450 -24.60 -8.49 19.67
N ASP B 451 -25.58 -8.32 18.78
CA ASP B 451 -25.73 -9.26 17.66
C ASP B 451 -24.87 -8.87 16.44
N GLY B 452 -24.26 -7.71 16.48
CA GLY B 452 -23.44 -7.17 15.39
C GLY B 452 -24.25 -6.81 14.17
N LEU B 453 -25.51 -6.41 14.38
CA LEU B 453 -26.41 -6.11 13.29
C LEU B 453 -26.70 -4.61 13.18
N LYS B 454 -26.44 -3.81 14.19
CA LYS B 454 -26.70 -2.39 14.18
C LYS B 454 -25.60 -1.62 14.91
N LEU B 455 -25.38 -0.36 14.57
CA LEU B 455 -24.39 0.45 15.22
C LEU B 455 -25.08 1.38 16.22
N ILE B 456 -24.61 1.42 17.45
CA ILE B 456 -25.18 2.26 18.50
C ILE B 456 -24.27 3.44 18.77
N ASP B 457 -24.86 4.65 18.81
CA ASP B 457 -24.03 5.83 19.01
C ASP B 457 -23.34 5.77 20.36
N PHE B 458 -22.07 6.19 20.39
CA PHE B 458 -21.29 6.14 21.62
C PHE B 458 -21.19 7.54 22.19
N ARG B 459 -21.15 7.70 23.51
CA ARG B 459 -20.96 9.04 24.06
C ARG B 459 -20.19 8.97 25.39
N GLY B 460 -19.64 10.08 25.85
CA GLY B 460 -19.01 10.09 27.16
C GLY B 460 -17.49 10.11 27.15
N SER B 461 -16.89 9.91 25.98
CA SER B 461 -15.46 10.11 25.83
C SER B 461 -15.13 10.68 24.44
N CYS B 462 -14.13 11.52 24.41
CA CYS B 462 -13.53 11.99 23.17
C CYS B 462 -12.60 10.85 22.69
N LEU B 463 -12.94 10.15 21.61
CA LEU B 463 -12.02 9.11 21.12
C LEU B 463 -11.01 9.76 20.19
N THR B 464 -9.82 10.14 20.64
CA THR B 464 -8.92 10.85 19.70
C THR B 464 -8.58 10.03 18.47
N PHE B 465 -8.25 10.67 17.34
CA PHE B 465 -7.86 9.91 16.14
C PHE B 465 -6.61 9.07 16.43
N GLU B 466 -5.59 9.67 17.05
CA GLU B 466 -4.39 8.90 17.39
C GLU B 466 -4.70 7.70 18.28
N GLY B 467 -5.66 7.88 19.20
CA GLY B 467 -6.13 6.77 20.06
C GLY B 467 -6.83 5.70 19.28
N GLU B 468 -7.65 6.06 18.29
CA GLU B 468 -8.38 5.04 17.54
C GLU B 468 -7.46 4.35 16.53
N ILE B 469 -6.40 5.04 16.12
CA ILE B 469 -5.38 4.48 15.23
C ILE B 469 -4.58 3.45 16.05
N ASN B 470 -4.15 3.84 17.27
CA ASN B 470 -3.49 2.90 18.19
C ASN B 470 -4.39 1.72 18.47
N LYS B 471 -5.71 2.00 18.68
CA LYS B 471 -6.58 0.87 19.04
C LYS B 471 -6.65 -0.17 17.93
N LEU B 472 -6.76 0.31 16.69
CA LEU B 472 -6.83 -0.61 15.54
C LEU B 472 -5.60 -1.53 15.48
N ALA B 473 -4.43 -0.93 15.67
CA ALA B 473 -3.20 -1.74 15.66
C ALA B 473 -3.22 -2.79 16.78
N VAL B 474 -3.65 -2.36 17.98
CA VAL B 474 -3.71 -3.33 19.09
C VAL B 474 -4.82 -4.32 18.86
N ASN B 475 -5.96 -3.90 18.21
CA ASN B 475 -6.99 -4.88 17.89
C ASN B 475 -6.46 -5.94 16.89
N VAL B 476 -5.62 -5.45 15.91
CA VAL B 476 -5.17 -6.47 14.95
C VAL B 476 -4.19 -7.38 15.69
N ALA B 477 -3.26 -6.89 16.49
CA ALA B 477 -2.29 -7.74 17.19
C ALA B 477 -3.02 -8.71 18.10
N PHE B 478 -3.97 -8.18 18.88
CA PHE B 478 -4.70 -9.04 19.84
C PHE B 478 -5.68 -9.96 19.22
N GLY B 479 -6.17 -9.63 18.02
CA GLY B 479 -7.03 -10.57 17.31
C GLY B 479 -6.26 -11.85 16.94
N ARG B 480 -4.98 -11.77 16.63
CA ARG B 480 -4.24 -13.01 16.37
C ARG B 480 -4.17 -13.84 17.67
N GLN B 481 -3.93 -13.15 18.79
CA GLN B 481 -3.95 -13.84 20.10
C GLN B 481 -5.31 -14.46 20.34
N MET B 482 -6.40 -13.77 19.95
CA MET B 482 -7.73 -14.38 20.08
C MET B 482 -7.94 -15.56 19.16
N LEU B 483 -7.14 -15.73 18.07
CA LEU B 483 -7.26 -16.93 17.26
C LEU B 483 -6.71 -18.16 18.02
N GLY B 484 -5.81 -17.92 18.98
CA GLY B 484 -5.17 -18.96 19.75
C GLY B 484 -3.70 -19.13 19.39
N ILE B 485 -3.17 -18.22 18.54
CA ILE B 485 -1.85 -18.37 17.95
C ILE B 485 -0.74 -17.43 18.31
N HIS B 486 -0.93 -16.51 19.25
CA HIS B 486 0.11 -15.58 19.68
C HIS B 486 -0.11 -15.22 21.17
N TYR B 487 0.94 -14.76 21.81
CA TYR B 487 0.85 -14.30 23.17
C TYR B 487 0.90 -12.77 23.14
N ARG B 488 0.49 -12.13 24.24
CA ARG B 488 0.61 -10.73 24.46
C ARG B 488 2.02 -10.20 24.26
N PHE B 489 3.10 -10.93 24.65
CA PHE B 489 4.44 -10.39 24.38
C PHE B 489 4.70 -10.35 22.85
N ASP B 490 4.16 -11.27 22.06
CA ASP B 490 4.28 -11.27 20.60
C ASP B 490 3.71 -9.97 20.01
N GLY B 491 2.55 -9.59 20.59
CA GLY B 491 1.76 -8.46 20.13
C GLY B 491 2.32 -7.12 20.51
N ILE B 492 2.64 -6.91 21.80
CA ILE B 492 3.19 -5.63 22.23
C ILE B 492 4.64 -5.37 21.78
N GLN B 493 5.46 -6.44 21.82
CA GLN B 493 6.86 -6.25 21.39
C GLN B 493 6.90 -6.03 19.86
N GLY B 494 6.02 -6.70 19.15
CA GLY B 494 5.85 -6.59 17.69
C GLY B 494 5.44 -5.16 17.35
N LEU B 495 4.40 -4.65 18.07
CA LEU B 495 3.97 -3.28 17.85
C LEU B 495 5.07 -2.26 18.06
N LEU B 496 5.88 -2.42 19.12
CA LEU B 496 6.95 -1.47 19.39
C LEU B 496 8.09 -1.62 18.37
N LEU B 497 8.38 -2.83 17.95
CA LEU B 497 9.43 -3.02 16.91
C LEU B 497 9.02 -2.28 15.62
N GLY B 498 7.77 -2.48 15.18
CA GLY B 498 7.25 -1.82 13.99
C GLY B 498 7.30 -0.31 14.08
N GLU B 499 7.03 0.28 15.26
CA GLU B 499 7.16 1.69 15.49
C GLU B 499 8.59 2.20 15.40
N THR B 500 9.55 1.50 16.07
CA THR B 500 10.92 2.05 16.08
C THR B 500 11.51 2.12 14.68
N ILE B 501 11.30 1.07 13.93
CA ILE B 501 11.77 0.78 12.58
C ILE B 501 11.20 1.85 11.63
N THR B 502 9.88 2.07 11.82
CA THR B 502 9.22 3.09 11.00
C THR B 502 9.72 4.48 11.29
N VAL B 503 9.95 4.81 12.58
CA VAL B 503 10.55 6.10 12.89
C VAL B 503 11.89 6.25 12.16
N ARG B 504 12.71 5.18 12.20
CA ARG B 504 14.00 5.23 11.50
C ARG B 504 13.83 5.54 10.00
N THR B 505 12.89 4.92 9.32
CA THR B 505 12.64 5.16 7.89
C THR B 505 12.06 6.52 7.58
N LEU B 506 11.11 6.95 8.39
CA LEU B 506 10.49 8.27 8.28
C LEU B 506 11.54 9.36 8.38
N HIS B 507 12.46 9.22 9.34
CA HIS B 507 13.49 10.22 9.57
C HIS B 507 14.48 10.26 8.38
N GLN B 508 14.90 9.08 7.93
CA GLN B 508 15.78 8.98 6.79
C GLN B 508 15.16 9.71 5.58
N GLU B 509 13.88 9.45 5.30
CA GLU B 509 13.26 10.14 4.17
C GLU B 509 13.16 11.62 4.42
N LEU B 510 12.78 11.99 5.65
CA LEU B 510 12.59 13.42 5.96
C LEU B 510 13.81 14.26 5.63
N MET B 511 14.98 13.74 5.96
CA MET B 511 16.25 14.40 5.75
C MET B 511 16.51 14.64 4.25
N THR B 512 15.90 13.92 3.33
CA THR B 512 16.07 14.18 1.90
C THR B 512 15.22 15.29 1.28
N PHE B 513 14.10 15.64 1.93
CA PHE B 513 13.13 16.57 1.32
C PHE B 513 13.67 17.96 1.12
N ALA B 514 13.39 18.55 -0.06
CA ALA B 514 13.84 19.91 -0.32
C ALA B 514 13.15 20.91 0.61
N GLU B 515 11.83 20.71 0.77
CA GLU B 515 11.15 21.72 1.60
C GLU B 515 11.42 21.59 3.10
N GLU B 516 11.57 22.72 3.76
CA GLU B 516 11.75 22.72 5.22
C GLU B 516 10.52 22.09 5.86
N SER B 517 10.81 21.10 6.71
CA SER B 517 9.68 20.36 7.29
C SER B 517 10.11 19.46 8.44
N THR B 518 9.14 18.99 9.23
CA THR B 518 9.46 18.12 10.34
C THR B 518 8.35 17.08 10.45
N PHE B 519 8.58 16.09 11.33
CA PHE B 519 7.48 15.19 11.68
C PHE B 519 7.29 15.36 13.22
N GLU B 520 6.05 15.31 13.68
CA GLU B 520 5.77 15.45 15.10
C GLU B 520 4.48 14.72 15.44
N PHE B 521 4.60 13.68 16.29
CA PHE B 521 3.47 12.85 16.64
C PHE B 521 3.68 12.08 17.96
N ARG B 522 2.63 11.40 18.41
CA ARG B 522 2.74 10.71 19.72
C ARG B 522 2.97 9.22 19.57
N LEU B 523 4.02 8.71 20.19
CA LEU B 523 4.31 7.27 20.19
C LEU B 523 3.28 6.51 21.02
N PHE B 524 3.23 5.19 20.89
CA PHE B 524 2.36 4.30 21.60
C PHE B 524 2.34 4.49 23.12
N THR B 525 3.48 4.69 23.75
CA THR B 525 3.56 4.83 25.19
C THR B 525 3.38 6.27 25.66
N GLY B 526 3.04 7.19 24.75
CA GLY B 526 2.64 8.53 25.10
C GLY B 526 3.54 9.69 24.91
N GLU B 527 4.83 9.46 24.74
CA GLU B 527 5.78 10.56 24.53
C GLU B 527 5.59 11.14 23.12
N VAL B 528 5.87 12.41 22.98
CA VAL B 528 5.82 13.11 21.70
C VAL B 528 7.19 13.11 21.04
N ILE B 529 7.29 12.48 19.88
CA ILE B 529 8.58 12.48 19.17
C ILE B 529 8.51 13.59 18.12
N LYS B 530 9.60 14.33 17.91
CA LYS B 530 9.67 15.35 16.88
C LYS B 530 10.95 15.04 16.09
N LEU B 531 10.87 14.93 14.76
CA LEU B 531 12.02 14.60 13.92
C LEU B 531 12.45 15.79 13.08
N PHE B 532 13.75 16.09 13.03
CA PHE B 532 14.30 17.23 12.31
C PHE B 532 15.19 16.82 11.13
N GLN B 533 15.27 17.69 10.12
CA GLN B 533 15.99 17.40 8.88
C GLN B 533 17.49 17.37 9.05
N ASP B 534 18.04 17.95 10.13
CA ASP B 534 19.45 17.86 10.40
C ASP B 534 19.82 16.55 11.11
N GLY B 535 18.90 15.61 11.26
CA GLY B 535 19.20 14.33 11.89
C GLY B 535 18.94 14.33 13.40
N THR B 536 18.68 15.47 14.00
CA THR B 536 18.41 15.45 15.46
C THR B 536 16.96 15.08 15.68
N PHE B 537 16.61 14.74 16.92
CA PHE B 537 15.26 14.34 17.27
C PHE B 537 15.06 14.54 18.78
N THR B 538 13.81 14.71 19.20
CA THR B 538 13.47 15.02 20.57
C THR B 538 12.35 14.12 21.07
N ILE B 539 12.35 13.92 22.41
CA ILE B 539 11.31 13.10 23.03
C ILE B 539 10.73 14.02 24.10
N ASP B 540 9.46 14.39 23.94
CA ASP B 540 8.83 15.40 24.77
C ASP B 540 9.69 16.65 24.88
N GLY B 541 10.26 17.12 23.77
CA GLY B 541 11.08 18.32 23.82
C GLY B 541 12.51 18.09 24.28
N PHE B 542 12.89 16.90 24.70
CA PHE B 542 14.28 16.68 25.14
C PHE B 542 15.15 16.20 23.98
N LYS B 543 16.23 16.91 23.69
CA LYS B 543 17.12 16.47 22.61
C LYS B 543 17.77 15.15 22.92
N CYS B 544 17.59 14.13 22.11
CA CYS B 544 18.17 12.81 22.28
C CYS B 544 19.66 12.81 21.90
N PRO B 545 20.45 12.02 22.61
CA PRO B 545 21.86 11.92 22.36
C PRO B 545 22.25 11.03 21.21
N GLY B 546 21.50 9.99 20.83
CA GLY B 546 22.02 9.18 19.73
C GLY B 546 22.01 9.90 18.38
N LEU B 547 22.70 9.31 17.40
CA LEU B 547 22.68 9.78 16.05
C LEU B 547 21.27 9.55 15.43
N VAL B 548 20.77 8.35 15.64
CA VAL B 548 19.52 7.87 15.10
C VAL B 548 18.64 7.31 16.22
N TYR B 549 17.34 7.22 15.96
CA TYR B 549 16.41 6.76 17.01
C TYR B 549 16.54 5.28 17.32
N THR B 550 16.63 4.95 18.63
CA THR B 550 16.69 3.52 18.98
C THR B 550 15.71 3.17 20.10
N GLY B 551 14.68 4.03 20.25
CA GLY B 551 13.65 3.72 21.26
C GLY B 551 13.60 4.78 22.36
N VAL B 552 12.42 4.93 22.95
CA VAL B 552 12.27 5.90 24.05
C VAL B 552 13.27 5.75 25.20
N GLU B 553 13.58 4.52 25.62
CA GLU B 553 14.51 4.35 26.73
C GLU B 553 15.91 4.86 26.45
N ASN B 554 16.37 4.95 25.21
CA ASN B 554 17.72 5.47 24.93
C ASN B 554 17.76 6.98 24.79
N CYS B 555 16.62 7.67 24.87
CA CYS B 555 16.66 9.13 24.73
C CYS B 555 16.61 9.77 26.12
N VAL B 556 17.78 9.77 26.73
CA VAL B 556 17.93 10.21 28.13
C VAL B 556 19.34 10.73 28.36
#